data_4PIN
#
_entry.id   4PIN
#
_cell.length_a   71.988
_cell.length_b   74.757
_cell.length_c   137.812
_cell.angle_alpha   90.000
_cell.angle_beta   90.000
_cell.angle_gamma   90.000
#
_symmetry.space_group_name_H-M   'P 21 21 21'
#
loop_
_entity.id
_entity.type
_entity.pdbx_description
1 polymer 'Histidine-specific methyltransferase EgtD'
2 non-polymer N,N-dimethyl-L-histidine
3 non-polymer 'PHOSPHATE ION'
4 water water
#
_entity_poly.entity_id   1
_entity_poly.type   'polypeptide(L)'
_entity_poly.pdbx_seq_one_letter_code
;GHMALSLANYLAADSAAEALRRDVRAGLTATQKSLPPKWFYDAVGSDLFDQITRLPEYYPTRTEAQILRTRSAEIISAAG
ADTLVELGSGTSEKTRMLLDAMRDAELLRRFIPFDVDAGVLRSAGAAIGAEYPGIEIDAVCGDFEEHLGKIPHVGRRLVV
FLGSTIGNLTPAPRAEFLSTLADTLQPGDSLLLGTDLVKDTGRLVRAYDDAAGVTAAFNRNVLAVVNRELSADFDLDAFE
HVAKWNSDEERIEMWLRARTAQHVRVAALDLEVDFAAGEEMLTEVSCKFRPENVVAELAEAGLRQTHWWTDPAGDFGLSL
AVR
;
_entity_poly.pdbx_strand_id   A,B
#
# COMPACT_ATOMS: atom_id res chain seq x y z
N HIS A 2 20.47 4.53 -13.15
CA HIS A 2 21.38 4.21 -12.01
C HIS A 2 21.51 5.39 -11.05
N MET A 3 22.74 5.83 -10.79
CA MET A 3 23.00 6.79 -9.71
C MET A 3 23.15 8.25 -10.15
N ALA A 4 23.13 8.51 -11.45
CA ALA A 4 23.30 9.88 -11.93
C ALA A 4 22.20 10.78 -11.39
N LEU A 5 22.59 11.82 -10.67
CA LEU A 5 21.62 12.66 -9.99
C LEU A 5 22.20 13.99 -9.49
N SER A 6 21.37 15.02 -9.53
CA SER A 6 21.60 16.24 -8.78
C SER A 6 20.45 16.37 -7.79
N LEU A 7 20.76 16.57 -6.51
CA LEU A 7 19.73 16.69 -5.49
C LEU A 7 20.06 17.77 -4.46
N ALA A 8 19.19 18.77 -4.39
CA ALA A 8 19.32 19.86 -3.44
C ALA A 8 18.26 19.73 -2.36
N ASN A 9 18.69 19.79 -1.10
CA ASN A 9 17.80 19.55 0.02
C ASN A 9 17.66 20.78 0.92
N TYR A 10 16.44 21.28 1.04
CA TYR A 10 16.15 22.46 1.83
C TYR A 10 15.27 22.13 3.04
N LEU A 11 15.02 20.85 3.25
CA LEU A 11 14.23 20.39 4.39
C LEU A 11 15.11 19.83 5.51
N ALA A 12 15.22 20.58 6.60
CA ALA A 12 15.99 20.16 7.77
C ALA A 12 15.06 19.53 8.81
N ALA A 13 15.54 18.47 9.45
CA ALA A 13 14.74 17.75 10.43
C ALA A 13 14.39 18.63 11.63
N ASP A 14 15.28 19.55 11.98
CA ASP A 14 15.02 20.45 13.10
C ASP A 14 13.95 21.48 12.75
N SER A 15 13.89 21.88 11.48
CA SER A 15 12.87 22.81 11.03
C SER A 15 11.50 22.14 11.02
N ALA A 16 11.47 20.88 10.59
CA ALA A 16 10.25 20.10 10.57
C ALA A 16 9.70 19.93 11.99
N ALA A 17 10.59 19.61 12.93
CA ALA A 17 10.21 19.46 14.32
C ALA A 17 9.66 20.77 14.86
N GLU A 18 10.33 21.87 14.54
CA GLU A 18 9.88 23.20 14.95
C GLU A 18 8.47 23.50 14.47
N ALA A 19 8.22 23.19 13.19
CA ALA A 19 6.94 23.51 12.57
C ALA A 19 5.80 22.66 13.13
N LEU A 20 6.08 21.39 13.39
CA LEU A 20 5.06 20.48 13.90
C LEU A 20 4.61 20.91 15.29
N ARG A 21 5.58 21.21 16.16
CA ARG A 21 5.28 21.70 17.49
C ARG A 21 4.38 22.93 17.40
N ARG A 22 4.78 23.87 16.56
CA ARG A 22 4.03 25.10 16.32
C ARG A 22 2.61 24.80 15.84
N ASP A 23 2.49 23.89 14.88
CA ASP A 23 1.20 23.58 14.28
C ASP A 23 0.28 22.85 15.25
N VAL A 24 0.82 21.88 15.97
CA VAL A 24 0.03 21.06 16.88
C VAL A 24 -0.44 21.86 18.10
N ARG A 25 0.43 22.70 18.65
CA ARG A 25 0.04 23.54 19.78
C ARG A 25 -1.12 24.44 19.39
N ALA A 26 -0.97 25.14 18.27
CA ALA A 26 -1.99 26.07 17.81
C ALA A 26 -3.29 25.36 17.46
N GLY A 27 -3.18 24.23 16.79
CA GLY A 27 -4.33 23.50 16.31
C GLY A 27 -5.13 22.83 17.41
N LEU A 28 -4.43 22.30 18.42
CA LEU A 28 -5.10 21.56 19.49
C LEU A 28 -5.66 22.46 20.59
N THR A 29 -5.18 23.71 20.65
CA THR A 29 -5.64 24.65 21.68
C THR A 29 -6.72 25.61 21.16
N ALA A 30 -6.94 25.61 19.84
CA ALA A 30 -8.03 26.38 19.27
C ALA A 30 -9.35 25.83 19.76
N THR A 31 -10.33 26.71 19.96
CA THR A 31 -11.66 26.27 20.42
C THR A 31 -12.22 25.28 19.41
N GLN A 32 -12.04 25.59 18.14
CA GLN A 32 -12.27 24.64 17.06
C GLN A 32 -10.94 24.02 16.69
N LYS A 33 -10.71 22.78 17.13
CA LYS A 33 -9.42 22.14 16.94
C LYS A 33 -9.18 21.80 15.47
N SER A 34 -7.91 21.75 15.09
CA SER A 34 -7.52 21.39 13.73
C SER A 34 -6.08 20.90 13.68
N LEU A 35 -5.72 20.21 12.61
CA LEU A 35 -4.33 19.88 12.33
C LEU A 35 -4.05 20.07 10.83
N PRO A 36 -2.90 20.64 10.46
CA PRO A 36 -2.61 20.80 9.03
C PRO A 36 -2.37 19.46 8.34
N PRO A 37 -2.87 19.28 7.10
CA PRO A 37 -2.77 17.99 6.42
C PRO A 37 -1.36 17.61 5.94
N LYS A 38 -0.42 18.54 5.91
CA LYS A 38 0.92 18.21 5.42
C LYS A 38 1.57 17.13 6.29
N TRP A 39 1.07 16.97 7.50
CA TRP A 39 1.61 16.00 8.44
C TRP A 39 1.02 14.61 8.26
N PHE A 40 0.13 14.47 7.28
CA PHE A 40 -0.34 13.16 6.87
C PHE A 40 0.80 12.35 6.26
N TYR A 41 1.76 13.05 5.68
CA TYR A 41 2.65 12.43 4.70
C TYR A 41 4.02 12.04 5.24
N ASP A 42 4.01 11.28 6.33
CA ASP A 42 5.18 10.51 6.71
C ASP A 42 5.17 9.26 5.83
N ALA A 43 6.09 8.34 6.09
CA ALA A 43 6.23 7.15 5.23
C ALA A 43 4.94 6.35 5.15
N VAL A 44 4.37 6.02 6.31
CA VAL A 44 3.14 5.22 6.37
C VAL A 44 1.98 5.95 5.70
N GLY A 45 1.85 7.24 5.96
CA GLY A 45 0.74 8.01 5.43
C GLY A 45 0.82 8.19 3.93
N SER A 46 2.05 8.29 3.41
CA SER A 46 2.25 8.42 1.96
C SER A 46 1.87 7.11 1.28
N ASP A 47 2.23 6.01 1.91
CA ASP A 47 1.85 4.68 1.44
C ASP A 47 0.34 4.55 1.40
N LEU A 48 -0.32 5.03 2.44
CA LEU A 48 -1.78 4.96 2.50
C LEU A 48 -2.43 5.82 1.43
N PHE A 49 -1.86 7.00 1.18
CA PHE A 49 -2.39 7.85 0.12
C PHE A 49 -2.25 7.16 -1.23
N ASP A 50 -1.10 6.51 -1.44
CA ASP A 50 -0.87 5.80 -2.68
C ASP A 50 -1.97 4.76 -2.90
N GLN A 51 -2.40 4.14 -1.81
CA GLN A 51 -3.46 3.15 -1.87
C GLN A 51 -4.80 3.81 -2.16
N ILE A 52 -5.00 5.01 -1.61
CA ILE A 52 -6.23 5.76 -1.85
C ILE A 52 -6.40 6.02 -3.35
N THR A 53 -5.31 6.27 -4.06
CA THR A 53 -5.39 6.58 -5.48
C THR A 53 -5.96 5.42 -6.30
N ARG A 54 -6.00 4.23 -5.70
CA ARG A 54 -6.50 3.03 -6.38
C ARG A 54 -7.85 2.55 -5.84
N LEU A 55 -8.43 3.31 -4.90
CA LEU A 55 -9.73 2.94 -4.35
C LEU A 55 -10.83 3.14 -5.41
N PRO A 56 -11.85 2.26 -5.41
CA PRO A 56 -12.94 2.41 -6.39
C PRO A 56 -13.64 3.76 -6.30
N GLU A 57 -13.81 4.27 -5.09
CA GLU A 57 -14.55 5.51 -4.86
C GLU A 57 -13.75 6.76 -5.20
N TYR A 58 -12.42 6.67 -5.13
CA TYR A 58 -11.57 7.82 -5.35
C TYR A 58 -11.24 7.98 -6.83
N TYR A 59 -12.15 8.64 -7.55
CA TYR A 59 -12.03 8.87 -8.99
C TYR A 59 -10.88 9.80 -9.42
N PRO A 60 -10.46 10.78 -8.58
CA PRO A 60 -9.55 11.81 -9.10
C PRO A 60 -8.31 11.32 -9.86
N THR A 61 -7.53 10.40 -9.28
CA THR A 61 -6.28 9.99 -9.92
C THR A 61 -6.51 9.36 -11.29
N ARG A 62 -7.46 8.44 -11.39
CA ARG A 62 -7.68 7.73 -12.65
C ARG A 62 -8.38 8.61 -13.68
N THR A 63 -9.21 9.53 -13.22
CA THR A 63 -9.86 10.49 -14.12
C THR A 63 -8.80 11.40 -14.74
N GLU A 64 -7.91 11.92 -13.91
CA GLU A 64 -6.82 12.77 -14.39
C GLU A 64 -5.91 12.00 -15.33
N ALA A 65 -5.64 10.75 -14.98
CA ALA A 65 -4.76 9.91 -15.78
C ALA A 65 -5.34 9.67 -17.18
N GLN A 66 -6.66 9.52 -17.26
CA GLN A 66 -7.32 9.27 -18.53
C GLN A 66 -7.25 10.51 -19.42
N ILE A 67 -7.38 11.68 -18.83
CA ILE A 67 -7.26 12.93 -19.59
C ILE A 67 -5.84 13.04 -20.14
N LEU A 68 -4.86 12.79 -19.29
CA LEU A 68 -3.46 12.84 -19.70
C LEU A 68 -3.18 11.78 -20.78
N ARG A 69 -3.75 10.60 -20.59
CA ARG A 69 -3.56 9.49 -21.52
C ARG A 69 -4.01 9.87 -22.94
N THR A 70 -5.17 10.50 -23.05
CA THR A 70 -5.77 10.77 -24.35
C THR A 70 -5.35 12.12 -24.96
N ARG A 71 -4.72 12.98 -24.16
CA ARG A 71 -4.33 14.31 -24.62
C ARG A 71 -2.85 14.63 -24.38
N SER A 72 -2.04 13.62 -24.08
CA SER A 72 -0.63 13.84 -23.77
C SER A 72 0.10 14.60 -24.88
N ALA A 73 -0.11 14.17 -26.12
CA ALA A 73 0.58 14.78 -27.26
C ALA A 73 0.22 16.24 -27.40
N GLU A 74 -1.06 16.54 -27.24
CA GLU A 74 -1.56 17.91 -27.37
C GLU A 74 -1.00 18.80 -26.28
N ILE A 75 -0.97 18.29 -25.06
CA ILE A 75 -0.42 19.03 -23.92
C ILE A 75 1.04 19.39 -24.15
N ILE A 76 1.82 18.40 -24.57
CA ILE A 76 3.25 18.59 -24.78
C ILE A 76 3.52 19.50 -25.97
N SER A 77 2.69 19.41 -27.00
CA SER A 77 2.85 20.28 -28.17
C SER A 77 2.57 21.73 -27.79
N ALA A 78 1.55 21.95 -26.98
CA ALA A 78 1.17 23.29 -26.55
C ALA A 78 2.23 23.91 -25.63
N ALA A 79 2.81 23.08 -24.76
CA ALA A 79 3.79 23.55 -23.81
C ALA A 79 5.10 23.92 -24.50
N GLY A 80 5.50 23.10 -25.48
CA GLY A 80 6.75 23.32 -26.19
C GLY A 80 7.93 23.35 -25.24
N ALA A 81 7.90 22.45 -24.27
CA ALA A 81 8.92 22.42 -23.22
C ALA A 81 9.90 21.28 -23.46
N ASP A 82 11.13 21.46 -22.98
CA ASP A 82 12.14 20.41 -23.01
C ASP A 82 12.46 19.92 -21.60
N THR A 83 11.85 20.58 -20.60
CA THR A 83 12.08 20.28 -19.20
C THR A 83 10.75 20.11 -18.47
N LEU A 84 10.61 19.02 -17.73
CA LEU A 84 9.41 18.77 -16.93
C LEU A 84 9.70 18.97 -15.45
N VAL A 85 8.98 19.89 -14.83
CA VAL A 85 9.05 20.12 -13.40
C VAL A 85 7.80 19.55 -12.74
N GLU A 86 7.99 18.58 -11.86
CA GLU A 86 6.86 17.93 -11.20
C GLU A 86 6.82 18.27 -9.70
N LEU A 87 5.80 19.01 -9.31
CA LEU A 87 5.57 19.35 -7.92
C LEU A 87 4.77 18.24 -7.24
N GLY A 88 5.46 17.42 -6.45
CA GLY A 88 4.82 16.34 -5.72
C GLY A 88 5.16 14.96 -6.23
N SER A 89 6.45 14.73 -6.48
CA SER A 89 7.03 13.42 -6.81
C SER A 89 8.26 13.60 -7.68
N SER A 92 2.73 9.75 -11.56
CA SER A 92 3.71 8.68 -11.63
C SER A 92 3.50 7.88 -12.92
N GLU A 93 2.36 7.20 -13.02
CA GLU A 93 1.88 6.75 -14.31
C GLU A 93 1.54 8.02 -15.09
N LYS A 94 0.98 8.98 -14.38
CA LYS A 94 0.68 10.30 -14.92
C LYS A 94 1.98 10.97 -15.39
N THR A 95 3.01 10.88 -14.57
CA THR A 95 4.34 11.37 -14.92
C THR A 95 4.83 10.81 -16.25
N ARG A 96 4.78 9.48 -16.38
CA ARG A 96 5.34 8.80 -17.53
C ARG A 96 4.66 9.19 -18.83
N MET A 97 3.36 9.43 -18.78
CA MET A 97 2.61 9.84 -19.96
C MET A 97 3.16 11.14 -20.53
N LEU A 98 3.42 12.09 -19.64
CA LEU A 98 3.98 13.38 -20.04
C LEU A 98 5.41 13.20 -20.58
N LEU A 99 6.24 12.46 -19.85
CA LEU A 99 7.62 12.25 -20.26
C LEU A 99 7.71 11.48 -21.59
N ASP A 100 6.85 10.47 -21.76
CA ASP A 100 6.82 9.71 -22.99
C ASP A 100 6.49 10.60 -24.18
N ALA A 101 5.50 11.47 -24.01
CA ALA A 101 5.09 12.40 -25.06
C ALA A 101 6.22 13.36 -25.43
N MET A 102 6.93 13.86 -24.43
CA MET A 102 8.06 14.75 -24.67
C MET A 102 9.16 14.02 -25.42
N ARG A 103 9.38 12.76 -25.05
CA ARG A 103 10.37 11.93 -25.71
C ARG A 103 9.96 11.66 -27.16
N ASP A 104 8.69 11.30 -27.35
CA ASP A 104 8.16 11.05 -28.69
C ASP A 104 8.33 12.27 -29.58
N ALA A 105 8.16 13.45 -29.00
CA ALA A 105 8.34 14.70 -29.73
C ALA A 105 9.82 15.05 -29.87
N GLU A 106 10.68 14.22 -29.30
CA GLU A 106 12.13 14.44 -29.32
C GLU A 106 12.47 15.82 -28.73
N LEU A 107 11.91 16.10 -27.55
CA LEU A 107 12.11 17.37 -26.86
C LEU A 107 12.69 17.17 -25.46
N LEU A 108 12.54 15.96 -24.92
CA LEU A 108 12.88 15.71 -23.52
C LEU A 108 14.39 15.81 -23.23
N ARG A 109 14.75 16.76 -22.38
CA ARG A 109 16.15 16.97 -21.99
C ARG A 109 16.34 16.81 -20.48
N ARG A 110 15.31 17.16 -19.71
CA ARG A 110 15.48 17.39 -18.28
C ARG A 110 14.23 17.06 -17.46
N PHE A 111 14.45 16.52 -16.27
CA PHE A 111 13.37 16.20 -15.34
C PHE A 111 13.71 16.75 -13.95
N ILE A 112 12.78 17.54 -13.40
CA ILE A 112 13.01 18.20 -12.11
C ILE A 112 11.91 17.82 -11.12
N PRO A 113 12.12 16.71 -10.39
CA PRO A 113 11.14 16.33 -9.36
C PRO A 113 11.28 17.17 -8.11
N PHE A 114 10.15 17.56 -7.53
CA PHE A 114 10.11 18.42 -6.35
C PHE A 114 9.20 17.74 -5.32
N ASP A 115 9.78 17.28 -4.21
CA ASP A 115 9.05 16.45 -3.25
C ASP A 115 9.62 16.61 -1.84
N VAL A 116 8.87 16.19 -0.83
CA VAL A 116 9.29 16.35 0.56
C VAL A 116 10.18 15.21 1.06
N ASP A 117 10.18 14.09 0.32
CA ASP A 117 10.94 12.91 0.70
C ASP A 117 12.14 12.74 -0.22
N ALA A 118 13.34 12.92 0.31
CA ALA A 118 14.56 12.79 -0.47
C ALA A 118 14.73 11.35 -0.96
N GLY A 119 14.35 10.39 -0.13
CA GLY A 119 14.44 8.99 -0.48
C GLY A 119 13.63 8.66 -1.72
N VAL A 120 12.41 9.18 -1.78
CA VAL A 120 11.54 9.01 -2.93
C VAL A 120 12.15 9.68 -4.16
N LEU A 121 12.73 10.86 -3.96
CA LEU A 121 13.37 11.58 -5.05
C LEU A 121 14.53 10.78 -5.63
N ARG A 122 15.33 10.19 -4.75
CA ARG A 122 16.46 9.37 -5.18
C ARG A 122 16.00 8.16 -5.99
N SER A 123 14.92 7.53 -5.55
CA SER A 123 14.37 6.37 -6.25
C SER A 123 13.89 6.75 -7.65
N ALA A 124 13.22 7.89 -7.75
CA ALA A 124 12.75 8.38 -9.04
C ALA A 124 13.90 8.68 -9.97
N GLY A 125 14.98 9.25 -9.43
CA GLY A 125 16.15 9.57 -10.21
C GLY A 125 16.71 8.34 -10.92
N ALA A 126 16.68 7.21 -10.22
CA ALA A 126 17.16 5.96 -10.78
C ALA A 126 16.17 5.40 -11.79
N ALA A 127 14.91 5.28 -11.38
CA ALA A 127 13.85 4.76 -12.25
C ALA A 127 13.75 5.57 -13.54
N ILE A 128 13.58 6.88 -13.40
CA ILE A 128 13.45 7.76 -14.56
C ILE A 128 14.72 7.78 -15.39
N GLY A 129 15.87 7.84 -14.73
CA GLY A 129 17.15 7.81 -15.41
C GLY A 129 17.29 6.56 -16.25
N ALA A 130 16.76 5.45 -15.74
CA ALA A 130 16.79 4.18 -16.44
C ALA A 130 15.79 4.17 -17.60
N GLU A 131 14.60 4.69 -17.34
CA GLU A 131 13.52 4.69 -18.33
C GLU A 131 13.81 5.63 -19.49
N TYR A 132 14.53 6.71 -19.21
CA TYR A 132 14.84 7.72 -20.22
C TYR A 132 16.33 8.02 -20.24
N PRO A 133 17.13 7.12 -20.84
CA PRO A 133 18.59 7.26 -20.90
C PRO A 133 19.03 8.61 -21.45
N GLY A 134 19.95 9.26 -20.73
CA GLY A 134 20.49 10.54 -21.17
C GLY A 134 19.76 11.73 -20.59
N ILE A 135 18.63 11.49 -19.92
CA ILE A 135 17.89 12.58 -19.31
C ILE A 135 18.67 13.16 -18.13
N GLU A 136 18.65 14.48 -18.02
CA GLU A 136 19.25 15.16 -16.87
C GLU A 136 18.22 15.28 -15.76
N ILE A 137 18.58 14.86 -14.55
CA ILE A 137 17.65 14.88 -13.43
C ILE A 137 18.19 15.77 -12.31
N ASP A 138 17.44 16.82 -12.00
CA ASP A 138 17.78 17.73 -10.91
C ASP A 138 16.65 17.72 -9.88
N ALA A 139 16.83 16.94 -8.82
CA ALA A 139 15.79 16.78 -7.81
C ALA A 139 15.88 17.88 -6.77
N VAL A 140 14.74 18.27 -6.22
CA VAL A 140 14.71 19.30 -5.19
C VAL A 140 13.84 18.85 -4.03
N CYS A 141 14.46 18.69 -2.87
CA CYS A 141 13.71 18.38 -1.66
C CYS A 141 13.30 19.67 -0.99
N GLY A 142 11.99 19.90 -0.94
CA GLY A 142 11.43 21.10 -0.35
C GLY A 142 9.94 20.97 -0.17
N ASP A 143 9.34 21.92 0.55
CA ASP A 143 7.88 22.03 0.61
C ASP A 143 7.44 23.11 -0.36
N PHE A 144 6.42 22.82 -1.15
CA PHE A 144 6.07 23.66 -2.28
C PHE A 144 5.49 25.01 -1.89
N GLU A 145 5.30 25.24 -0.58
CA GLU A 145 4.80 26.51 -0.10
C GLU A 145 5.91 27.48 0.29
N GLU A 146 7.17 27.04 0.21
CA GLU A 146 8.30 27.85 0.71
C GLU A 146 9.52 27.88 -0.22
N HIS A 147 9.74 26.82 -0.99
CA HIS A 147 10.99 26.67 -1.75
C HIS A 147 10.83 26.66 -3.26
N LEU A 148 9.73 27.21 -3.78
CA LEU A 148 9.52 27.23 -5.22
C LEU A 148 10.62 28.01 -5.94
N GLY A 149 11.16 29.02 -5.27
CA GLY A 149 12.23 29.82 -5.83
C GLY A 149 13.54 29.05 -5.99
N LYS A 150 13.62 27.88 -5.39
CA LYS A 150 14.82 27.04 -5.48
C LYS A 150 14.82 26.16 -6.73
N ILE A 151 13.66 26.06 -7.40
CA ILE A 151 13.57 25.27 -8.61
C ILE A 151 14.41 25.91 -9.72
N PRO A 152 15.32 25.15 -10.34
CA PRO A 152 16.15 25.72 -11.40
C PRO A 152 15.33 26.26 -12.57
N HIS A 153 15.91 27.20 -13.32
CA HIS A 153 15.21 27.84 -14.43
C HIS A 153 15.78 27.41 -15.79
N VAL A 154 16.67 26.43 -15.80
CA VAL A 154 17.33 26.02 -17.04
C VAL A 154 16.33 25.27 -17.92
N GLY A 155 16.30 25.68 -19.20
CA GLY A 155 15.43 25.03 -20.18
C GLY A 155 14.08 25.71 -20.30
N ARG A 156 13.29 25.24 -21.25
CA ARG A 156 11.89 25.64 -21.37
C ARG A 156 11.08 24.65 -20.57
N ARG A 157 10.47 25.14 -19.50
CA ARG A 157 9.97 24.27 -18.43
C ARG A 157 8.46 24.15 -18.38
N LEU A 158 7.99 22.90 -18.36
CA LEU A 158 6.59 22.59 -18.10
C LEU A 158 6.45 22.21 -16.63
N VAL A 159 5.85 23.11 -15.86
CA VAL A 159 5.66 22.91 -14.42
C VAL A 159 4.30 22.30 -14.19
N VAL A 160 4.26 21.12 -13.60
CA VAL A 160 2.99 20.42 -13.39
C VAL A 160 2.69 20.29 -11.91
N PHE A 161 1.43 20.55 -11.57
CA PHE A 161 0.94 20.43 -10.21
C PHE A 161 -0.38 19.68 -10.29
N LEU A 162 -0.29 18.35 -10.24
CA LEU A 162 -1.42 17.48 -10.56
C LEU A 162 -2.18 17.02 -9.33
N GLY A 163 -3.29 16.33 -9.55
CA GLY A 163 -4.00 15.62 -8.50
C GLY A 163 -4.95 16.48 -7.69
N SER A 164 -5.06 17.77 -8.04
CA SER A 164 -5.88 18.73 -7.30
C SER A 164 -5.32 18.95 -5.90
N THR A 165 -4.01 18.78 -5.74
CA THR A 165 -3.35 19.12 -4.49
C THR A 165 -3.52 20.61 -4.21
N ILE A 166 -3.73 21.39 -5.27
CA ILE A 166 -3.97 22.82 -5.09
C ILE A 166 -5.24 23.04 -4.26
N GLY A 167 -6.17 22.10 -4.34
CA GLY A 167 -7.40 22.18 -3.58
C GLY A 167 -7.22 21.95 -2.09
N ASN A 168 -6.04 21.48 -1.70
CA ASN A 168 -5.75 21.22 -0.28
C ASN A 168 -5.26 22.48 0.42
N LEU A 169 -5.29 23.60 -0.28
CA LEU A 169 -5.05 24.92 0.31
C LEU A 169 -6.35 25.70 0.32
N THR A 170 -6.64 26.35 1.44
CA THR A 170 -7.80 27.25 1.52
C THR A 170 -7.49 28.47 0.64
N PRO A 171 -8.53 29.24 0.28
CA PRO A 171 -8.38 30.29 -0.74
C PRO A 171 -7.20 31.24 -0.53
N ALA A 172 -6.96 31.71 0.68
CA ALA A 172 -5.90 32.69 0.92
C ALA A 172 -4.51 32.10 0.65
N PRO A 173 -4.13 31.01 1.33
CA PRO A 173 -2.83 30.44 1.01
C PRO A 173 -2.74 29.90 -0.43
N ARG A 174 -3.87 29.46 -0.98
CA ARG A 174 -3.90 28.95 -2.34
C ARG A 174 -3.51 30.04 -3.34
N ALA A 175 -4.13 31.21 -3.20
CA ALA A 175 -3.82 32.34 -4.07
C ALA A 175 -2.37 32.76 -3.91
N GLU A 176 -1.88 32.72 -2.66
CA GLU A 176 -0.50 33.05 -2.37
C GLU A 176 0.45 32.10 -3.09
N PHE A 177 0.15 30.81 -3.02
CA PHE A 177 0.95 29.79 -3.70
C PHE A 177 1.01 30.03 -5.21
N LEU A 178 -0.16 30.16 -5.83
CA LEU A 178 -0.25 30.32 -7.28
C LEU A 178 0.50 31.55 -7.75
N SER A 179 0.35 32.65 -7.04
CA SER A 179 1.05 33.89 -7.37
C SER A 179 2.56 33.66 -7.30
N THR A 180 3.01 33.05 -6.20
CA THR A 180 4.42 32.75 -6.01
C THR A 180 4.94 31.88 -7.14
N LEU A 181 4.17 30.85 -7.49
CA LEU A 181 4.55 29.94 -8.56
C LEU A 181 4.61 30.66 -9.90
N ALA A 182 3.59 31.47 -10.18
CA ALA A 182 3.52 32.22 -11.42
C ALA A 182 4.73 33.13 -11.57
N ASP A 183 5.16 33.73 -10.46
CA ASP A 183 6.28 34.66 -10.47
C ASP A 183 7.60 34.01 -10.87
N THR A 184 7.69 32.69 -10.77
CA THR A 184 8.92 31.98 -11.12
C THR A 184 8.98 31.56 -12.59
N LEU A 185 7.87 31.73 -13.31
CA LEU A 185 7.80 31.29 -14.70
C LEU A 185 8.33 32.37 -15.64
N GLN A 186 9.24 31.96 -16.53
CA GLN A 186 9.74 32.84 -17.59
C GLN A 186 8.90 32.68 -18.84
N PRO A 187 9.10 33.54 -19.84
CA PRO A 187 8.46 33.30 -21.13
C PRO A 187 8.94 31.95 -21.69
N GLY A 188 8.02 31.16 -22.23
CA GLY A 188 8.35 29.84 -22.70
C GLY A 188 8.12 28.76 -21.64
N ASP A 189 7.82 29.18 -20.42
CA ASP A 189 7.43 28.23 -19.37
C ASP A 189 5.91 28.10 -19.34
N SER A 190 5.43 26.98 -18.82
CA SER A 190 4.00 26.73 -18.70
C SER A 190 3.66 26.05 -17.38
N LEU A 191 2.46 26.31 -16.90
CA LEU A 191 1.90 25.60 -15.75
C LEU A 191 0.80 24.65 -16.21
N LEU A 192 0.92 23.38 -15.84
CA LEU A 192 -0.16 22.42 -16.02
C LEU A 192 -0.77 22.13 -14.65
N LEU A 193 -1.98 22.63 -14.43
CA LEU A 193 -2.65 22.55 -13.13
C LEU A 193 -3.85 21.61 -13.16
N GLY A 194 -3.85 20.64 -12.24
CA GLY A 194 -4.97 19.75 -12.09
C GLY A 194 -5.94 20.26 -11.04
N THR A 195 -7.21 20.38 -11.41
CA THR A 195 -8.26 20.79 -10.47
C THR A 195 -9.44 19.83 -10.51
N ASP A 196 -9.80 19.30 -9.35
CA ASP A 196 -10.99 18.47 -9.21
C ASP A 196 -12.21 19.39 -9.15
N LEU A 197 -13.29 18.97 -9.81
CA LEU A 197 -14.41 19.88 -10.07
C LEU A 197 -15.67 19.53 -9.28
N VAL A 198 -16.47 20.56 -9.01
CA VAL A 198 -17.75 20.37 -8.36
C VAL A 198 -18.58 19.36 -9.15
N LYS A 199 -19.27 18.49 -8.43
CA LYS A 199 -20.01 17.39 -9.03
C LYS A 199 -21.01 16.87 -8.01
N ASP A 200 -21.65 15.75 -8.35
CA ASP A 200 -22.59 15.09 -7.44
C ASP A 200 -21.97 14.91 -6.05
N THR A 201 -22.68 15.40 -5.03
CA THR A 201 -22.13 15.47 -3.69
C THR A 201 -21.99 14.10 -3.04
N GLY A 202 -22.84 13.16 -3.41
CA GLY A 202 -22.71 11.79 -2.94
C GLY A 202 -21.38 11.20 -3.38
N ARG A 203 -21.08 11.34 -4.66
CA ARG A 203 -19.83 10.85 -5.22
C ARG A 203 -18.63 11.50 -4.54
N LEU A 204 -18.74 12.79 -4.21
CA LEU A 204 -17.67 13.51 -3.55
C LEU A 204 -17.39 12.95 -2.15
N VAL A 205 -18.43 12.73 -1.37
CA VAL A 205 -18.25 12.23 -0.01
C VAL A 205 -17.70 10.80 -0.02
N ARG A 206 -18.24 9.95 -0.90
CA ARG A 206 -17.80 8.56 -0.95
C ARG A 206 -16.33 8.45 -1.30
N ALA A 207 -15.83 9.38 -2.12
CA ALA A 207 -14.43 9.38 -2.52
C ALA A 207 -13.50 9.65 -1.35
N TYR A 208 -14.04 10.17 -0.25
CA TYR A 208 -13.26 10.50 0.94
C TYR A 208 -13.76 9.72 2.15
N ASP A 209 -14.51 8.66 1.88
CA ASP A 209 -15.12 7.84 2.92
C ASP A 209 -15.37 6.45 2.34
N ASP A 210 -14.31 5.85 1.85
CA ASP A 210 -14.39 4.57 1.14
C ASP A 210 -14.85 3.43 2.03
N ALA A 211 -15.48 2.44 1.43
CA ALA A 211 -16.04 1.30 2.14
C ALA A 211 -14.96 0.53 2.91
N ALA A 212 -13.75 0.49 2.37
CA ALA A 212 -12.68 -0.32 2.93
C ALA A 212 -11.97 0.34 4.11
N GLY A 213 -12.33 1.59 4.40
CA GLY A 213 -11.78 2.28 5.56
C GLY A 213 -10.34 2.72 5.41
N VAL A 214 -9.86 2.80 4.17
CA VAL A 214 -8.48 3.18 3.92
C VAL A 214 -8.27 4.67 4.17
N THR A 215 -9.21 5.50 3.72
CA THR A 215 -9.10 6.95 3.94
C THR A 215 -9.16 7.24 5.44
N ALA A 216 -10.02 6.53 6.16
CA ALA A 216 -10.10 6.67 7.60
C ALA A 216 -8.75 6.40 8.27
N ALA A 217 -8.06 5.38 7.80
CA ALA A 217 -6.74 5.04 8.32
C ALA A 217 -5.75 6.16 8.02
N PHE A 218 -5.83 6.67 6.81
CA PHE A 218 -5.01 7.79 6.35
C PHE A 218 -5.20 9.01 7.25
N ASN A 219 -6.47 9.30 7.56
CA ASN A 219 -6.81 10.42 8.43
C ASN A 219 -6.30 10.21 9.85
N ARG A 220 -6.65 9.08 10.44
CA ARG A 220 -6.26 8.77 11.82
C ARG A 220 -4.74 8.71 11.99
N ASN A 221 -4.02 8.44 10.91
CA ASN A 221 -2.57 8.33 10.99
C ASN A 221 -1.90 9.62 11.44
N VAL A 222 -2.55 10.77 11.24
CA VAL A 222 -1.98 12.04 11.68
C VAL A 222 -1.84 12.04 13.21
N LEU A 223 -2.71 11.29 13.88
CA LEU A 223 -2.62 11.14 15.33
C LEU A 223 -1.42 10.28 15.70
N ALA A 224 -1.10 9.30 14.86
CA ALA A 224 0.07 8.44 15.08
C ALA A 224 1.34 9.27 14.90
N VAL A 225 1.34 10.15 13.92
CA VAL A 225 2.46 11.03 13.66
C VAL A 225 2.72 11.92 14.88
N VAL A 226 1.66 12.52 15.41
CA VAL A 226 1.78 13.39 16.58
C VAL A 226 2.23 12.60 17.81
N ASN A 227 1.59 11.45 18.02
CA ASN A 227 1.99 10.54 19.11
C ASN A 227 3.47 10.27 19.11
N ARG A 228 3.99 9.91 17.93
CA ARG A 228 5.38 9.52 17.79
C ARG A 228 6.32 10.72 17.90
N GLU A 229 6.02 11.78 17.15
CA GLU A 229 6.93 12.91 17.01
C GLU A 229 6.93 13.85 18.21
N LEU A 230 5.80 13.95 18.92
CA LEU A 230 5.69 14.86 20.06
C LEU A 230 5.35 14.13 21.35
N SER A 231 5.49 12.81 21.35
CA SER A 231 5.24 12.00 22.53
C SER A 231 3.85 12.25 23.10
N ALA A 232 2.84 12.02 22.27
CA ALA A 232 1.44 12.19 22.68
C ALA A 232 0.78 10.83 22.87
N ASP A 233 -0.43 10.82 23.43
CA ASP A 233 -1.11 9.56 23.73
C ASP A 233 -2.54 9.52 23.18
N PHE A 234 -2.72 10.07 21.98
CA PHE A 234 -3.95 9.87 21.23
C PHE A 234 -4.31 8.39 21.18
N ASP A 235 -5.53 8.06 21.59
CA ASP A 235 -6.07 6.72 21.38
C ASP A 235 -6.75 6.69 20.01
N LEU A 236 -6.04 6.20 19.01
CA LEU A 236 -6.52 6.26 17.63
C LEU A 236 -7.90 5.64 17.45
N ASP A 237 -8.14 4.53 18.13
CA ASP A 237 -9.40 3.81 17.99
C ASP A 237 -10.58 4.62 18.53
N ALA A 238 -10.30 5.61 19.37
CA ALA A 238 -11.35 6.43 19.98
C ALA A 238 -11.89 7.47 19.01
N PHE A 239 -11.21 7.66 17.89
CA PHE A 239 -11.58 8.71 16.94
C PHE A 239 -12.19 8.14 15.66
N GLU A 240 -13.30 8.74 15.25
CA GLU A 240 -14.06 8.29 14.10
C GLU A 240 -13.78 9.16 12.89
N HIS A 241 -13.69 8.53 11.71
CA HIS A 241 -13.47 9.24 10.47
C HIS A 241 -14.78 9.84 9.94
N VAL A 242 -14.76 11.15 9.66
CA VAL A 242 -15.92 11.84 9.13
C VAL A 242 -15.56 12.68 7.91
N ALA A 243 -16.23 12.40 6.79
CA ALA A 243 -16.08 13.19 5.58
C ALA A 243 -17.35 13.99 5.35
N LYS A 244 -17.18 15.29 5.10
CA LYS A 244 -18.31 16.21 4.92
C LYS A 244 -18.19 17.04 3.65
N TRP A 245 -19.32 17.28 2.99
CA TRP A 245 -19.40 18.27 1.93
C TRP A 245 -19.84 19.61 2.51
N ASN A 246 -18.96 20.61 2.41
CA ASN A 246 -19.28 21.97 2.81
C ASN A 246 -19.78 22.74 1.59
N SER A 247 -21.10 22.85 1.47
CA SER A 247 -21.70 23.43 0.27
C SER A 247 -21.41 24.92 0.13
N ASP A 248 -21.23 25.60 1.26
CA ASP A 248 -20.94 27.02 1.27
C ASP A 248 -19.56 27.32 0.70
N GLU A 249 -18.58 26.51 1.06
CA GLU A 249 -17.21 26.69 0.60
C GLU A 249 -16.89 25.76 -0.57
N GLU A 250 -17.87 24.93 -0.93
CA GLU A 250 -17.72 23.91 -1.97
C GLU A 250 -16.38 23.17 -1.83
N ARG A 251 -16.24 22.53 -0.69
CA ARG A 251 -15.04 21.76 -0.38
C ARG A 251 -15.42 20.53 0.44
N ILE A 252 -14.71 19.44 0.20
CA ILE A 252 -14.76 18.28 1.09
C ILE A 252 -13.92 18.63 2.32
N GLU A 253 -14.37 18.14 3.47
CA GLU A 253 -13.63 18.27 4.72
C GLU A 253 -13.49 16.92 5.40
N MET A 254 -12.28 16.63 5.86
CA MET A 254 -12.06 15.43 6.68
C MET A 254 -11.98 15.85 8.14
N TRP A 255 -12.75 15.17 8.98
CA TRP A 255 -12.76 15.43 10.41
C TRP A 255 -12.43 14.18 11.18
N LEU A 256 -11.91 14.35 12.39
CA LEU A 256 -11.78 13.27 13.34
C LEU A 256 -12.66 13.57 14.55
N ARG A 257 -13.56 12.66 14.84
CA ARG A 257 -14.54 12.84 15.91
C ARG A 257 -14.24 11.94 17.09
N ALA A 258 -14.11 12.54 18.27
CA ALA A 258 -13.95 11.76 19.49
C ALA A 258 -15.28 11.09 19.80
N ARG A 259 -15.30 9.76 19.82
CA ARG A 259 -16.57 9.06 20.03
C ARG A 259 -16.93 9.04 21.52
N THR A 260 -15.93 9.24 22.38
CA THR A 260 -16.15 9.51 23.78
C THR A 260 -15.17 10.58 24.23
N ALA A 261 -15.37 11.13 25.43
CA ALA A 261 -14.47 12.15 25.95
C ALA A 261 -13.03 11.62 26.03
N GLN A 262 -12.09 12.42 25.51
CA GLN A 262 -10.68 12.04 25.50
C GLN A 262 -9.81 13.11 26.15
N HIS A 263 -8.87 12.67 26.97
CA HIS A 263 -7.82 13.54 27.52
C HIS A 263 -6.49 13.16 26.88
N VAL A 264 -5.89 14.10 26.15
CA VAL A 264 -4.64 13.83 25.43
C VAL A 264 -3.50 14.69 25.96
N ARG A 265 -2.42 14.01 26.36
CA ARG A 265 -1.19 14.69 26.78
C ARG A 265 -0.19 14.69 25.65
N VAL A 266 0.25 15.88 25.23
CA VAL A 266 1.34 16.00 24.26
C VAL A 266 2.59 16.40 25.04
N ALA A 267 3.37 15.39 25.43
CA ALA A 267 4.48 15.58 26.37
C ALA A 267 5.50 16.61 25.89
N ALA A 268 5.85 16.54 24.62
CA ALA A 268 6.88 17.42 24.07
C ALA A 268 6.47 18.89 24.13
N LEU A 269 5.17 19.14 24.25
CA LEU A 269 4.65 20.51 24.32
C LEU A 269 4.24 20.91 25.74
N ASP A 270 4.47 20.04 26.70
CA ASP A 270 4.00 20.26 28.08
C ASP A 270 2.53 20.63 28.05
N LEU A 271 1.80 19.96 27.18
CA LEU A 271 0.43 20.34 26.87
C LEU A 271 -0.56 19.22 27.19
N GLU A 272 -1.68 19.60 27.77
CA GLU A 272 -2.80 18.69 27.99
C GLU A 272 -4.01 19.26 27.29
N VAL A 273 -4.76 18.38 26.63
CA VAL A 273 -5.86 18.78 25.78
C VAL A 273 -7.03 17.82 25.97
N ASP A 274 -8.25 18.35 25.85
CA ASP A 274 -9.45 17.55 26.05
C ASP A 274 -10.38 17.60 24.86
N PHE A 275 -10.91 16.44 24.51
CA PHE A 275 -11.97 16.33 23.51
C PHE A 275 -13.25 15.92 24.21
N ALA A 276 -14.33 16.67 23.98
CA ALA A 276 -15.63 16.28 24.49
C ALA A 276 -16.18 15.16 23.60
N ALA A 277 -17.07 14.34 24.14
CA ALA A 277 -17.72 13.31 23.34
C ALA A 277 -18.38 13.96 22.13
N GLY A 278 -18.09 13.43 20.95
CA GLY A 278 -18.67 13.94 19.72
C GLY A 278 -17.96 15.17 19.18
N GLU A 279 -16.94 15.66 19.87
CA GLU A 279 -16.18 16.81 19.38
C GLU A 279 -15.40 16.42 18.12
N GLU A 280 -15.38 17.33 17.16
CA GLU A 280 -14.76 17.08 15.87
C GLU A 280 -13.56 18.00 15.62
N MET A 281 -12.52 17.45 15.01
CA MET A 281 -11.29 18.17 14.70
C MET A 281 -11.02 18.13 13.21
N LEU A 282 -10.83 19.30 12.61
CA LEU A 282 -10.62 19.42 11.17
C LEU A 282 -9.18 19.08 10.78
N THR A 283 -9.00 18.09 9.91
CA THR A 283 -7.67 17.63 9.52
C THR A 283 -7.32 17.93 8.07
N GLU A 284 -8.32 18.19 7.23
CA GLU A 284 -8.05 18.49 5.82
C GLU A 284 -9.25 19.07 5.10
N VAL A 285 -8.98 20.01 4.20
CA VAL A 285 -9.97 20.43 3.22
C VAL A 285 -9.53 19.97 1.84
N SER A 286 -10.50 19.66 1.00
CA SER A 286 -10.24 19.34 -0.40
C SER A 286 -11.22 20.16 -1.23
N CYS A 287 -10.81 21.38 -1.57
CA CYS A 287 -11.67 22.31 -2.28
C CYS A 287 -11.91 21.83 -3.70
N LYS A 288 -13.17 21.94 -4.14
CA LYS A 288 -13.55 21.57 -5.50
C LYS A 288 -13.89 22.83 -6.29
N PHE A 289 -13.55 22.82 -7.58
CA PHE A 289 -13.58 24.02 -8.40
C PHE A 289 -14.68 23.99 -9.46
N ARG A 290 -15.14 25.17 -9.85
CA ARG A 290 -15.96 25.33 -11.03
C ARG A 290 -15.06 25.82 -12.16
N PRO A 291 -15.26 25.32 -13.39
CA PRO A 291 -14.35 25.63 -14.50
C PRO A 291 -14.10 27.14 -14.69
N GLU A 292 -15.15 27.94 -14.58
CA GLU A 292 -15.02 29.39 -14.76
C GLU A 292 -14.13 30.02 -13.70
N ASN A 293 -14.18 29.47 -12.48
CA ASN A 293 -13.39 30.00 -11.37
C ASN A 293 -11.93 29.62 -11.45
N VAL A 294 -11.63 28.54 -12.16
CA VAL A 294 -10.23 28.15 -12.37
C VAL A 294 -9.53 29.21 -13.23
N VAL A 295 -10.23 29.70 -14.25
CA VAL A 295 -9.69 30.74 -15.11
C VAL A 295 -9.38 31.99 -14.29
N ALA A 296 -10.31 32.38 -13.43
CA ALA A 296 -10.15 33.59 -12.63
C ALA A 296 -9.03 33.47 -11.60
N GLU A 297 -8.91 32.31 -10.98
CA GLU A 297 -7.86 32.12 -9.97
C GLU A 297 -6.48 32.12 -10.61
N LEU A 298 -6.39 31.61 -11.84
CA LEU A 298 -5.14 31.68 -12.60
C LEU A 298 -4.84 33.13 -12.99
N ALA A 299 -5.86 33.85 -13.44
CA ALA A 299 -5.70 35.24 -13.86
C ALA A 299 -5.25 36.11 -12.69
N GLU A 300 -5.83 35.85 -11.52
CA GLU A 300 -5.50 36.59 -10.30
C GLU A 300 -4.02 36.43 -9.97
N ALA A 301 -3.47 35.26 -10.29
CA ALA A 301 -2.07 34.96 -10.02
C ALA A 301 -1.16 35.45 -11.14
N GLY A 302 -1.76 35.97 -12.21
CA GLY A 302 -1.02 36.51 -13.33
C GLY A 302 -0.77 35.49 -14.43
N LEU A 303 -1.62 34.47 -14.49
CA LEU A 303 -1.50 33.43 -15.51
C LEU A 303 -2.72 33.39 -16.41
N ARG A 304 -2.46 33.27 -17.71
CA ARG A 304 -3.52 33.18 -18.71
CA ARG A 304 -3.52 33.18 -18.71
C ARG A 304 -3.77 31.72 -19.08
N GLN A 305 -5.02 31.27 -18.95
CA GLN A 305 -5.36 29.90 -19.32
C GLN A 305 -5.44 29.78 -20.84
N THR A 306 -4.51 29.03 -21.42
CA THR A 306 -4.45 28.88 -22.87
C THR A 306 -5.10 27.56 -23.30
N HIS A 307 -5.15 26.59 -22.40
CA HIS A 307 -5.82 25.32 -22.69
C HIS A 307 -6.58 24.77 -21.48
N TRP A 308 -7.68 24.10 -21.78
CA TRP A 308 -8.54 23.50 -20.76
C TRP A 308 -8.97 22.12 -21.23
N TRP A 309 -8.51 21.09 -20.53
CA TRP A 309 -8.90 19.72 -20.85
C TRP A 309 -9.72 19.14 -19.71
N THR A 310 -10.81 18.48 -20.07
CA THR A 310 -11.70 17.89 -19.09
C THR A 310 -12.31 16.61 -19.65
N ASP A 311 -12.52 15.63 -18.78
CA ASP A 311 -13.18 14.39 -19.17
C ASP A 311 -14.62 14.68 -19.59
N PRO A 312 -15.22 13.79 -20.39
CA PRO A 312 -16.59 14.02 -20.88
C PRO A 312 -17.62 14.27 -19.79
N ALA A 313 -17.46 13.63 -18.63
CA ALA A 313 -18.40 13.81 -17.53
C ALA A 313 -18.17 15.13 -16.80
N GLY A 314 -17.01 15.75 -17.04
CA GLY A 314 -16.66 17.00 -16.40
C GLY A 314 -16.31 16.81 -14.93
N ASP A 315 -15.75 15.66 -14.60
CA ASP A 315 -15.38 15.35 -13.22
C ASP A 315 -14.10 16.06 -12.80
N PHE A 316 -13.21 16.29 -13.76
CA PHE A 316 -11.87 16.77 -13.46
C PHE A 316 -11.36 17.64 -14.61
N GLY A 317 -10.53 18.62 -14.27
CA GLY A 317 -10.01 19.55 -15.26
C GLY A 317 -8.50 19.76 -15.18
N LEU A 318 -7.88 19.89 -16.35
CA LEU A 318 -6.48 20.24 -16.47
C LEU A 318 -6.34 21.53 -17.25
N SER A 319 -5.60 22.48 -16.67
CA SER A 319 -5.37 23.78 -17.29
C SER A 319 -3.91 23.90 -17.72
N LEU A 320 -3.68 24.41 -18.92
CA LEU A 320 -2.37 24.91 -19.29
C LEU A 320 -2.42 26.43 -19.22
N ALA A 321 -1.46 27.03 -18.54
CA ALA A 321 -1.44 28.47 -18.38
C ALA A 321 -0.02 29.04 -18.46
N VAL A 322 0.06 30.28 -18.92
CA VAL A 322 1.34 30.97 -19.10
C VAL A 322 1.30 32.40 -18.57
N ARG A 323 2.48 32.98 -18.39
CA ARG A 323 2.60 34.40 -18.04
C ARG A 323 2.28 35.26 -19.26
N GLY B 1 14.90 -17.80 -29.84
CA GLY B 1 14.07 -19.05 -29.86
C GLY B 1 14.05 -19.71 -28.50
N HIS B 2 13.06 -19.35 -27.69
CA HIS B 2 12.97 -19.83 -26.31
C HIS B 2 11.66 -20.54 -26.01
N MET B 3 11.70 -21.38 -24.97
CA MET B 3 10.52 -22.07 -24.47
C MET B 3 9.38 -21.10 -24.18
N ALA B 4 8.22 -21.36 -24.77
CA ALA B 4 7.02 -20.58 -24.49
C ALA B 4 6.60 -20.74 -23.03
N LEU B 5 6.01 -19.70 -22.47
CA LEU B 5 5.46 -19.76 -21.12
C LEU B 5 4.25 -20.68 -21.09
N SER B 6 4.04 -21.35 -19.96
CA SER B 6 2.89 -22.22 -19.77
C SER B 6 2.14 -21.84 -18.50
N LEU B 7 0.82 -21.71 -18.62
CA LEU B 7 -0.06 -21.50 -17.48
C LEU B 7 -1.17 -22.53 -17.50
N ALA B 8 -1.22 -23.37 -16.48
CA ALA B 8 -2.28 -24.36 -16.34
C ALA B 8 -3.25 -23.92 -15.24
N ASN B 9 -4.51 -23.79 -15.60
CA ASN B 9 -5.54 -23.37 -14.65
C ASN B 9 -6.47 -24.50 -14.27
N TYR B 10 -6.68 -24.67 -12.97
CA TYR B 10 -7.50 -25.75 -12.44
C TYR B 10 -8.69 -25.24 -11.63
N LEU B 11 -8.86 -23.92 -11.58
CA LEU B 11 -9.97 -23.31 -10.86
C LEU B 11 -11.11 -22.97 -11.81
N ALA B 12 -12.34 -23.29 -11.39
CA ALA B 12 -13.52 -22.91 -12.14
C ALA B 12 -13.82 -21.43 -11.88
N ALA B 13 -14.53 -20.80 -12.82
CA ALA B 13 -14.82 -19.38 -12.74
C ALA B 13 -15.58 -19.00 -11.46
N ASP B 14 -16.28 -19.97 -10.89
CA ASP B 14 -17.13 -19.73 -9.73
C ASP B 14 -16.51 -20.20 -8.41
N SER B 15 -15.27 -20.71 -8.48
CA SER B 15 -14.64 -21.33 -7.33
C SER B 15 -14.54 -20.39 -6.13
N ALA B 16 -14.09 -19.16 -6.37
CA ALA B 16 -13.91 -18.20 -5.28
C ALA B 16 -15.25 -17.78 -4.67
N ALA B 17 -16.25 -17.60 -5.53
CA ALA B 17 -17.58 -17.24 -5.07
C ALA B 17 -18.16 -18.34 -4.18
N GLU B 18 -18.10 -19.58 -4.66
CA GLU B 18 -18.66 -20.71 -3.91
C GLU B 18 -17.90 -20.94 -2.61
N ALA B 19 -16.59 -20.77 -2.64
CA ALA B 19 -15.78 -20.93 -1.43
C ALA B 19 -16.14 -19.85 -0.41
N LEU B 20 -16.33 -18.63 -0.87
CA LEU B 20 -16.65 -17.53 0.03
C LEU B 20 -18.03 -17.75 0.66
N ARG B 21 -18.99 -18.18 -0.14
CA ARG B 21 -20.31 -18.52 0.37
C ARG B 21 -20.19 -19.59 1.46
N ARG B 22 -19.42 -20.63 1.18
CA ARG B 22 -19.24 -21.73 2.09
C ARG B 22 -18.56 -21.28 3.39
N ASP B 23 -17.47 -20.53 3.26
CA ASP B 23 -16.68 -20.11 4.41
C ASP B 23 -17.45 -19.14 5.31
N VAL B 24 -18.22 -18.25 4.71
CA VAL B 24 -18.93 -17.21 5.45
C VAL B 24 -20.11 -17.80 6.22
N ARG B 25 -20.84 -18.72 5.58
CA ARG B 25 -21.97 -19.36 6.25
C ARG B 25 -21.51 -20.12 7.49
N ALA B 26 -20.50 -20.98 7.32
CA ALA B 26 -19.98 -21.79 8.41
C ALA B 26 -19.39 -20.92 9.50
N GLY B 27 -18.63 -19.92 9.09
CA GLY B 27 -17.89 -19.09 10.01
C GLY B 27 -18.76 -18.20 10.90
N LEU B 28 -19.82 -17.64 10.32
CA LEU B 28 -20.67 -16.70 11.04
C LEU B 28 -21.78 -17.41 11.82
N THR B 29 -21.99 -18.69 11.53
CA THR B 29 -22.98 -19.49 12.26
C THR B 29 -22.33 -20.41 13.29
N ALA B 30 -21.01 -20.35 13.42
CA ALA B 30 -20.31 -21.12 14.43
C ALA B 30 -20.46 -20.45 15.78
N THR B 31 -20.48 -21.24 16.85
CA THR B 31 -20.64 -20.70 18.20
C THR B 31 -19.50 -19.71 18.47
N GLN B 32 -18.31 -20.08 18.02
CA GLN B 32 -17.19 -19.15 17.95
C GLN B 32 -17.08 -18.64 16.52
N LYS B 33 -17.57 -17.43 16.28
CA LYS B 33 -17.58 -16.85 14.95
C LYS B 33 -16.17 -16.69 14.41
N SER B 34 -16.02 -16.87 13.10
CA SER B 34 -14.73 -16.70 12.47
C SER B 34 -14.85 -16.50 10.95
N LEU B 35 -13.78 -16.00 10.35
CA LEU B 35 -13.66 -15.95 8.90
C LEU B 35 -12.24 -16.35 8.51
N PRO B 36 -12.08 -17.13 7.42
CA PRO B 36 -10.72 -17.48 7.02
C PRO B 36 -9.91 -16.28 6.53
N PRO B 37 -8.60 -16.22 6.85
CA PRO B 37 -7.76 -15.08 6.48
C PRO B 37 -7.47 -14.97 4.99
N LYS B 38 -7.72 -16.03 4.23
CA LYS B 38 -7.53 -16.02 2.79
C LYS B 38 -8.32 -14.88 2.15
N TRP B 39 -9.44 -14.53 2.76
CA TRP B 39 -10.34 -13.53 2.21
C TRP B 39 -9.88 -12.10 2.53
N PHE B 40 -8.75 -11.98 3.22
CA PHE B 40 -8.12 -10.69 3.42
C PHE B 40 -7.64 -10.12 2.09
N TYR B 41 -7.35 -11.00 1.14
CA TYR B 41 -6.51 -10.63 0.00
C TYR B 41 -7.26 -10.35 -1.29
N ASP B 42 -8.19 -9.39 -1.23
CA ASP B 42 -8.70 -8.76 -2.45
C ASP B 42 -7.67 -7.70 -2.84
N ALA B 43 -8.01 -6.85 -3.81
CA ALA B 43 -7.05 -5.87 -4.31
C ALA B 43 -6.64 -4.90 -3.20
N VAL B 44 -7.62 -4.36 -2.49
CA VAL B 44 -7.38 -3.41 -1.41
C VAL B 44 -6.59 -4.08 -0.28
N GLY B 45 -7.04 -5.27 0.11
CA GLY B 45 -6.41 -5.99 1.20
C GLY B 45 -4.97 -6.39 0.92
N SER B 46 -4.71 -6.79 -0.32
CA SER B 46 -3.35 -7.17 -0.72
C SER B 46 -2.43 -5.95 -0.68
N ASP B 47 -2.97 -4.79 -1.06
CA ASP B 47 -2.23 -3.55 -1.01
C ASP B 47 -1.91 -3.18 0.42
N LEU B 48 -2.87 -3.39 1.31
CA LEU B 48 -2.64 -3.13 2.73
C LEU B 48 -1.59 -4.08 3.30
N PHE B 49 -1.64 -5.35 2.91
CA PHE B 49 -0.65 -6.30 3.39
C PHE B 49 0.74 -5.90 2.92
N ASP B 50 0.82 -5.42 1.68
CA ASP B 50 2.09 -4.97 1.13
C ASP B 50 2.65 -3.83 1.99
N GLN B 51 1.78 -2.95 2.46
CA GLN B 51 2.21 -1.88 3.36
C GLN B 51 2.66 -2.47 4.69
N ILE B 52 1.95 -3.49 5.17
CA ILE B 52 2.30 -4.13 6.43
C ILE B 52 3.73 -4.64 6.40
N THR B 53 4.17 -5.20 5.28
CA THR B 53 5.52 -5.75 5.18
C THR B 53 6.58 -4.66 5.37
N ARG B 54 6.18 -3.40 5.24
CA ARG B 54 7.10 -2.27 5.35
C ARG B 54 6.98 -1.53 6.69
N LEU B 55 6.03 -1.94 7.53
CA LEU B 55 5.84 -1.27 8.82
C LEU B 55 7.02 -1.57 9.75
N PRO B 56 7.47 -0.58 10.53
CA PRO B 56 8.58 -0.85 11.45
C PRO B 56 8.26 -1.93 12.47
N GLU B 57 6.99 -2.08 12.85
CA GLU B 57 6.61 -3.11 13.83
C GLU B 57 6.63 -4.51 13.22
N TYR B 58 6.38 -4.60 11.91
CA TYR B 58 6.27 -5.89 11.26
C TYR B 58 7.62 -6.32 10.69
N TYR B 59 8.40 -6.95 11.56
CA TYR B 59 9.75 -7.41 11.24
C TYR B 59 9.86 -8.62 10.29
N PRO B 60 8.85 -9.53 10.26
CA PRO B 60 9.05 -10.79 9.54
C PRO B 60 9.59 -10.69 8.11
N THR B 61 8.95 -9.89 7.26
CA THR B 61 9.33 -9.84 5.85
C THR B 61 10.78 -9.41 5.66
N ARG B 62 11.15 -8.27 6.24
CA ARG B 62 12.51 -7.77 6.12
C ARG B 62 13.53 -8.74 6.72
N THR B 63 13.16 -9.36 7.84
CA THR B 63 14.06 -10.29 8.51
C THR B 63 14.30 -11.52 7.64
N GLU B 64 13.24 -12.05 7.06
CA GLU B 64 13.35 -13.22 6.21
C GLU B 64 14.16 -12.89 4.96
N ALA B 65 13.89 -11.72 4.38
CA ALA B 65 14.58 -11.26 3.19
C ALA B 65 16.09 -11.23 3.40
N GLN B 66 16.53 -10.78 4.57
CA GLN B 66 17.96 -10.65 4.84
C GLN B 66 18.61 -12.02 4.96
N ILE B 67 17.93 -12.96 5.62
CA ILE B 67 18.42 -14.33 5.70
C ILE B 67 18.56 -14.90 4.29
N LEU B 68 17.52 -14.71 3.48
CA LEU B 68 17.52 -15.25 2.13
C LEU B 68 18.65 -14.65 1.30
N ARG B 69 18.89 -13.36 1.50
CA ARG B 69 19.96 -12.64 0.83
C ARG B 69 21.31 -13.28 1.17
N THR B 70 21.49 -13.60 2.44
CA THR B 70 22.74 -14.18 2.94
C THR B 70 22.94 -15.62 2.51
N ARG B 71 21.85 -16.39 2.43
CA ARG B 71 21.93 -17.84 2.35
C ARG B 71 21.53 -18.43 0.99
N SER B 72 21.10 -17.60 0.05
CA SER B 72 20.63 -18.08 -1.25
C SER B 72 21.63 -19.00 -1.94
N ALA B 73 22.89 -18.59 -1.98
CA ALA B 73 23.94 -19.39 -2.59
C ALA B 73 24.04 -20.75 -1.91
N GLU B 74 24.03 -20.72 -0.57
CA GLU B 74 24.08 -21.94 0.23
C GLU B 74 22.88 -22.84 -0.06
N ILE B 75 21.69 -22.24 -0.14
CA ILE B 75 20.47 -22.98 -0.37
C ILE B 75 20.51 -23.71 -1.72
N ILE B 76 20.92 -23.00 -2.76
CA ILE B 76 20.99 -23.57 -4.11
C ILE B 76 22.04 -24.67 -4.19
N SER B 77 23.15 -24.48 -3.48
CA SER B 77 24.22 -25.46 -3.45
C SER B 77 23.74 -26.75 -2.77
N ALA B 78 23.06 -26.59 -1.64
CA ALA B 78 22.51 -27.71 -0.90
C ALA B 78 21.47 -28.49 -1.71
N ALA B 79 20.57 -27.75 -2.34
CA ALA B 79 19.42 -28.35 -3.00
C ALA B 79 19.83 -29.09 -4.28
N GLY B 80 20.79 -28.52 -5.00
CA GLY B 80 21.22 -29.09 -6.27
C GLY B 80 20.09 -29.14 -7.29
N ALA B 81 19.06 -28.33 -7.05
CA ALA B 81 17.84 -28.34 -7.86
C ALA B 81 17.98 -27.47 -9.10
N ASP B 82 17.31 -27.88 -10.18
CA ASP B 82 17.26 -27.08 -11.40
C ASP B 82 15.88 -26.45 -11.59
N THR B 83 14.98 -26.72 -10.66
CA THR B 83 13.60 -26.24 -10.74
C THR B 83 13.19 -25.57 -9.44
N LEU B 84 12.71 -24.34 -9.54
CA LEU B 84 12.18 -23.61 -8.40
C LEU B 84 10.67 -23.65 -8.41
N VAL B 85 10.09 -24.22 -7.35
CA VAL B 85 8.65 -24.20 -7.16
C VAL B 85 8.32 -23.21 -6.07
N GLU B 86 7.43 -22.28 -6.38
CA GLU B 86 7.05 -21.25 -5.42
C GLU B 86 5.58 -21.36 -5.04
N LEU B 87 5.35 -21.70 -3.78
CA LEU B 87 4.01 -21.79 -3.24
C LEU B 87 3.55 -20.42 -2.75
N GLY B 88 2.71 -19.77 -3.55
CA GLY B 88 2.26 -18.42 -3.30
C GLY B 88 3.09 -17.42 -4.07
N SER B 89 2.42 -16.46 -4.71
CA SER B 89 3.06 -15.42 -5.53
C SER B 89 3.51 -15.99 -6.88
N SER B 92 8.75 -11.14 -7.13
CA SER B 92 9.14 -10.49 -5.89
C SER B 92 10.66 -10.46 -5.71
N GLU B 93 11.11 -9.78 -4.68
CA GLU B 93 12.52 -9.67 -4.35
C GLU B 93 13.11 -11.05 -4.03
N LYS B 94 12.41 -11.78 -3.17
CA LYS B 94 12.88 -13.08 -2.70
C LYS B 94 12.96 -14.14 -3.80
N THR B 95 12.04 -14.08 -4.74
CA THR B 95 12.04 -15.02 -5.86
C THR B 95 13.32 -14.86 -6.67
N ARG B 96 13.68 -13.62 -6.95
CA ARG B 96 14.86 -13.31 -7.75
C ARG B 96 16.16 -13.73 -7.05
N MET B 97 16.20 -13.61 -5.73
CA MET B 97 17.38 -14.01 -4.96
C MET B 97 17.71 -15.47 -5.25
N LEU B 98 16.68 -16.31 -5.25
CA LEU B 98 16.85 -17.73 -5.45
C LEU B 98 17.12 -18.06 -6.91
N LEU B 99 16.38 -17.43 -7.82
CA LEU B 99 16.57 -17.63 -9.25
C LEU B 99 17.97 -17.19 -9.67
N ASP B 100 18.42 -16.05 -9.13
CA ASP B 100 19.77 -15.55 -9.40
C ASP B 100 20.84 -16.56 -9.00
N ALA B 101 20.68 -17.15 -7.81
CA ALA B 101 21.65 -18.11 -7.31
C ALA B 101 21.66 -19.37 -8.14
N MET B 102 20.47 -19.80 -8.58
CA MET B 102 20.33 -20.98 -9.40
C MET B 102 20.98 -20.75 -10.76
N ARG B 103 20.80 -19.54 -11.28
CA ARG B 103 21.43 -19.16 -12.54
C ARG B 103 22.95 -19.16 -12.40
N ASP B 104 23.45 -18.46 -11.39
CA ASP B 104 24.89 -18.34 -11.17
C ASP B 104 25.55 -19.70 -11.01
N ALA B 105 24.82 -20.66 -10.43
CA ALA B 105 25.33 -22.01 -10.24
C ALA B 105 25.19 -22.85 -11.52
N GLU B 106 24.61 -22.25 -12.55
CA GLU B 106 24.43 -22.91 -13.85
C GLU B 106 23.45 -24.09 -13.75
N LEU B 107 22.49 -23.97 -12.83
CA LEU B 107 21.51 -25.04 -12.60
C LEU B 107 20.12 -24.71 -13.12
N LEU B 108 19.81 -23.41 -13.20
CA LEU B 108 18.44 -22.97 -13.45
C LEU B 108 17.91 -23.42 -14.81
N ARG B 109 16.78 -24.15 -14.78
CA ARG B 109 16.11 -24.60 -15.99
C ARG B 109 14.64 -24.23 -15.97
N ARG B 110 14.03 -24.27 -14.78
CA ARG B 110 12.59 -24.24 -14.67
C ARG B 110 12.08 -23.43 -13.46
N PHE B 111 10.96 -22.75 -13.66
CA PHE B 111 10.31 -21.99 -12.59
C PHE B 111 8.82 -22.33 -12.58
N ILE B 112 8.30 -22.74 -11.43
CA ILE B 112 6.92 -23.18 -11.29
C ILE B 112 6.23 -22.39 -10.18
N PRO B 113 5.65 -21.23 -10.53
CA PRO B 113 4.86 -20.46 -9.55
C PRO B 113 3.46 -21.05 -9.37
N PHE B 114 3.01 -21.11 -8.12
CA PHE B 114 1.72 -21.70 -7.78
C PHE B 114 0.89 -20.67 -7.03
N ASP B 115 -0.27 -20.30 -7.57
CA ASP B 115 -1.06 -19.21 -7.01
C ASP B 115 -2.52 -19.36 -7.41
N VAL B 116 -3.41 -18.74 -6.64
CA VAL B 116 -4.84 -18.78 -6.95
C VAL B 116 -5.23 -17.75 -8.01
N ASP B 117 -4.38 -16.74 -8.19
CA ASP B 117 -4.70 -15.61 -9.06
C ASP B 117 -3.98 -15.73 -10.40
N ALA B 118 -4.74 -16.08 -11.44
CA ALA B 118 -4.18 -16.28 -12.78
C ALA B 118 -3.52 -15.01 -13.33
N GLY B 119 -4.11 -13.85 -13.02
CA GLY B 119 -3.57 -12.59 -13.48
C GLY B 119 -2.19 -12.32 -12.91
N VAL B 120 -2.03 -12.63 -11.62
CA VAL B 120 -0.75 -12.47 -10.95
C VAL B 120 0.29 -13.39 -11.57
N LEU B 121 -0.14 -14.61 -11.91
CA LEU B 121 0.76 -15.57 -12.52
C LEU B 121 1.21 -15.12 -13.90
N ARG B 122 0.30 -14.53 -14.67
CA ARG B 122 0.64 -14.03 -16.00
C ARG B 122 1.69 -12.92 -15.92
N SER B 123 1.49 -11.98 -15.00
CA SER B 123 2.44 -10.89 -14.79
C SER B 123 3.80 -11.41 -14.33
N ALA B 124 3.79 -12.37 -13.41
CA ALA B 124 5.04 -12.93 -12.89
C ALA B 124 5.81 -13.65 -14.00
N GLY B 125 5.09 -14.43 -14.80
CA GLY B 125 5.72 -15.18 -15.88
C GLY B 125 6.36 -14.27 -16.90
N ALA B 126 5.66 -13.20 -17.27
CA ALA B 126 6.19 -12.22 -18.22
C ALA B 126 7.50 -11.63 -17.72
N ALA B 127 7.53 -11.25 -16.44
CA ALA B 127 8.72 -10.64 -15.86
C ALA B 127 9.88 -11.62 -15.78
N ILE B 128 9.64 -12.78 -15.16
CA ILE B 128 10.68 -13.78 -14.98
C ILE B 128 11.15 -14.32 -16.33
N GLY B 129 10.22 -14.53 -17.24
CA GLY B 129 10.56 -15.03 -18.56
C GLY B 129 11.51 -14.11 -19.32
N ALA B 130 11.41 -12.81 -19.07
CA ALA B 130 12.27 -11.83 -19.72
C ALA B 130 13.59 -11.66 -18.97
N GLU B 131 13.55 -11.81 -17.65
CA GLU B 131 14.73 -11.59 -16.81
C GLU B 131 15.69 -12.78 -16.86
N TYR B 132 15.17 -13.95 -17.21
CA TYR B 132 15.97 -15.16 -17.31
C TYR B 132 15.70 -15.86 -18.64
N PRO B 133 16.26 -15.31 -19.73
CA PRO B 133 16.00 -15.81 -21.09
C PRO B 133 16.20 -17.31 -21.23
N GLY B 134 15.20 -18.00 -21.77
CA GLY B 134 15.28 -19.42 -22.00
C GLY B 134 14.68 -20.26 -20.87
N ILE B 135 14.37 -19.63 -19.75
CA ILE B 135 13.81 -20.35 -18.62
C ILE B 135 12.45 -20.96 -18.98
N GLU B 136 12.20 -22.18 -18.52
CA GLU B 136 10.90 -22.82 -18.70
C GLU B 136 10.00 -22.44 -17.54
N ILE B 137 8.87 -21.80 -17.87
CA ILE B 137 7.92 -21.37 -16.85
C ILE B 137 6.64 -22.18 -16.96
N ASP B 138 6.31 -22.89 -15.89
CA ASP B 138 5.09 -23.69 -15.81
C ASP B 138 4.23 -23.21 -14.65
N ALA B 139 3.48 -22.14 -14.88
CA ALA B 139 2.61 -21.59 -13.85
C ALA B 139 1.42 -22.51 -13.61
N VAL B 140 1.04 -22.65 -12.34
CA VAL B 140 -0.10 -23.46 -11.96
C VAL B 140 -1.07 -22.62 -11.15
N CYS B 141 -2.28 -22.46 -11.69
CA CYS B 141 -3.33 -21.73 -10.99
C CYS B 141 -4.26 -22.71 -10.30
N GLY B 142 -4.14 -22.79 -8.97
CA GLY B 142 -4.94 -23.69 -8.17
C GLY B 142 -4.89 -23.28 -6.71
N ASP B 143 -5.41 -24.13 -5.83
CA ASP B 143 -5.39 -23.88 -4.39
C ASP B 143 -4.69 -25.04 -3.68
N PHE B 144 -4.15 -24.75 -2.50
CA PHE B 144 -3.32 -25.71 -1.76
C PHE B 144 -4.10 -26.95 -1.31
N GLU B 145 -5.41 -26.81 -1.15
CA GLU B 145 -6.22 -27.87 -0.57
C GLU B 145 -6.72 -28.87 -1.60
N GLU B 146 -6.41 -28.62 -2.88
CA GLU B 146 -6.86 -29.48 -3.97
C GLU B 146 -5.77 -29.81 -4.99
N HIS B 147 -4.96 -28.82 -5.35
CA HIS B 147 -4.21 -28.86 -6.60
C HIS B 147 -2.69 -28.91 -6.46
N LEU B 148 -2.17 -29.23 -5.29
CA LEU B 148 -0.72 -29.41 -5.13
C LEU B 148 -0.23 -30.55 -6.01
N GLY B 149 -1.11 -31.51 -6.27
CA GLY B 149 -0.78 -32.63 -7.13
C GLY B 149 -0.54 -32.23 -8.57
N LYS B 150 -1.01 -31.05 -8.94
CA LYS B 150 -0.90 -30.58 -10.32
C LYS B 150 0.45 -29.91 -10.60
N ILE B 151 1.23 -29.67 -9.54
CA ILE B 151 2.59 -29.18 -9.73
C ILE B 151 3.39 -30.25 -10.46
N PRO B 152 4.02 -29.89 -11.60
CA PRO B 152 4.78 -30.88 -12.36
C PRO B 152 5.85 -31.60 -11.53
N HIS B 153 5.86 -32.93 -11.61
CA HIS B 153 6.92 -33.74 -11.00
C HIS B 153 8.05 -33.90 -12.02
N VAL B 154 8.85 -32.87 -12.18
CA VAL B 154 9.88 -32.83 -13.21
C VAL B 154 11.16 -32.21 -12.66
N GLY B 155 12.30 -32.65 -13.18
CA GLY B 155 13.60 -32.18 -12.71
C GLY B 155 13.79 -32.47 -11.23
N ARG B 156 14.79 -31.83 -10.64
CA ARG B 156 15.00 -31.87 -9.19
C ARG B 156 14.51 -30.54 -8.65
N ARG B 157 13.54 -30.58 -7.74
CA ARG B 157 12.78 -29.40 -7.39
C ARG B 157 13.05 -28.87 -5.99
N LEU B 158 13.30 -27.56 -5.92
CA LEU B 158 13.35 -26.82 -4.69
C LEU B 158 12.01 -26.11 -4.48
N VAL B 159 11.23 -26.58 -3.51
CA VAL B 159 9.93 -25.99 -3.23
C VAL B 159 10.08 -24.98 -2.10
N VAL B 160 9.54 -23.78 -2.28
CA VAL B 160 9.64 -22.74 -1.25
C VAL B 160 8.25 -22.31 -0.75
N PHE B 161 8.18 -22.12 0.56
CA PHE B 161 6.97 -21.67 1.24
C PHE B 161 7.40 -20.73 2.34
N LEU B 162 7.43 -19.44 2.02
CA LEU B 162 8.09 -18.44 2.85
C LEU B 162 7.11 -17.53 3.60
N GLY B 163 7.67 -16.60 4.36
CA GLY B 163 6.89 -15.57 5.02
C GLY B 163 6.18 -16.01 6.30
N SER B 164 6.41 -17.26 6.70
CA SER B 164 5.72 -17.85 7.86
C SER B 164 4.24 -18.03 7.59
N THR B 165 3.88 -18.18 6.31
CA THR B 165 2.51 -18.46 5.93
CA THR B 165 2.50 -18.46 5.94
C THR B 165 2.07 -19.80 6.50
N ILE B 166 3.04 -20.69 6.70
CA ILE B 166 2.78 -22.00 7.30
C ILE B 166 2.17 -21.80 8.70
N GLY B 167 2.48 -20.67 9.32
CA GLY B 167 2.00 -20.35 10.65
C GLY B 167 0.56 -19.87 10.70
N ASN B 168 -0.04 -19.61 9.54
CA ASN B 168 -1.43 -19.18 9.49
C ASN B 168 -2.38 -20.37 9.51
N LEU B 169 -1.80 -21.57 9.51
CA LEU B 169 -2.57 -22.79 9.75
C LEU B 169 -2.41 -23.24 11.19
N THR B 170 -3.49 -23.72 11.78
CA THR B 170 -3.43 -24.34 13.11
C THR B 170 -2.78 -25.72 12.96
N PRO B 171 -2.30 -26.31 14.08
CA PRO B 171 -1.54 -27.56 14.06
C PRO B 171 -2.11 -28.70 13.21
N ALA B 172 -3.40 -28.99 13.32
CA ALA B 172 -3.98 -30.11 12.60
C ALA B 172 -3.93 -29.91 11.08
N PRO B 173 -4.47 -28.78 10.57
CA PRO B 173 -4.38 -28.56 9.13
C PRO B 173 -2.96 -28.27 8.65
N ARG B 174 -2.11 -27.75 9.54
CA ARG B 174 -0.72 -27.48 9.17
C ARG B 174 0.02 -28.79 8.92
N ALA B 175 -0.21 -29.77 9.78
CA ALA B 175 0.37 -31.09 9.61
C ALA B 175 -0.14 -31.77 8.34
N GLU B 176 -1.42 -31.58 8.04
CA GLU B 176 -2.02 -32.14 6.84
C GLU B 176 -1.41 -31.54 5.58
N PHE B 177 -1.21 -30.23 5.59
CA PHE B 177 -0.62 -29.54 4.45
C PHE B 177 0.79 -30.02 4.17
N LEU B 178 1.63 -30.07 5.21
CA LEU B 178 3.02 -30.48 5.07
C LEU B 178 3.12 -31.93 4.62
N SER B 179 2.23 -32.79 5.13
CA SER B 179 2.24 -34.20 4.75
C SER B 179 1.80 -34.35 3.31
N THR B 180 0.73 -33.66 2.93
CA THR B 180 0.25 -33.65 1.56
C THR B 180 1.34 -33.12 0.64
N LEU B 181 1.96 -32.01 1.04
CA LEU B 181 3.02 -31.40 0.25
C LEU B 181 4.20 -32.35 0.11
N ALA B 182 4.64 -32.91 1.23
CA ALA B 182 5.78 -33.81 1.25
C ALA B 182 5.56 -35.01 0.33
N ASP B 183 4.31 -35.43 0.21
CA ASP B 183 3.97 -36.59 -0.61
C ASP B 183 4.07 -36.30 -2.10
N THR B 184 4.07 -35.03 -2.48
CA THR B 184 4.26 -34.65 -3.87
C THR B 184 5.74 -34.59 -4.24
N LEU B 185 6.61 -34.70 -3.24
CA LEU B 185 8.05 -34.59 -3.47
C LEU B 185 8.67 -35.94 -3.80
N GLN B 186 9.68 -35.90 -4.67
CA GLN B 186 10.45 -37.08 -5.03
C GLN B 186 11.74 -37.09 -4.22
N PRO B 187 12.39 -38.25 -4.09
CA PRO B 187 13.69 -38.25 -3.40
C PRO B 187 14.65 -37.29 -4.08
N GLY B 188 15.31 -36.45 -3.28
CA GLY B 188 16.22 -35.44 -3.82
C GLY B 188 15.62 -34.06 -3.82
N ASP B 189 14.30 -33.97 -3.90
CA ASP B 189 13.62 -32.67 -3.83
C ASP B 189 13.85 -32.05 -2.46
N SER B 190 13.74 -30.72 -2.40
CA SER B 190 13.94 -29.99 -1.15
C SER B 190 12.79 -29.02 -0.88
N LEU B 191 12.48 -28.83 0.40
CA LEU B 191 11.52 -27.80 0.82
C LEU B 191 12.26 -26.70 1.60
N LEU B 192 12.05 -25.46 1.17
CA LEU B 192 12.56 -24.30 1.91
C LEU B 192 11.39 -23.63 2.63
N LEU B 193 11.44 -23.64 3.96
CA LEU B 193 10.33 -23.21 4.79
C LEU B 193 10.73 -22.09 5.75
N GLY B 194 9.95 -21.02 5.73
CA GLY B 194 10.17 -19.90 6.64
C GLY B 194 9.22 -19.99 7.82
N THR B 195 9.77 -19.87 9.03
CA THR B 195 8.97 -19.91 10.25
C THR B 195 9.37 -18.78 11.18
N ASP B 196 8.42 -17.91 11.51
CA ASP B 196 8.64 -16.87 12.51
C ASP B 196 8.76 -17.55 13.87
N LEU B 197 9.62 -17.02 14.74
CA LEU B 197 9.97 -17.70 15.98
C LEU B 197 9.40 -17.00 17.22
N VAL B 198 9.16 -17.78 18.26
CA VAL B 198 8.70 -17.23 19.53
C VAL B 198 9.72 -16.21 20.03
N LYS B 199 9.21 -15.12 20.59
CA LYS B 199 10.05 -14.02 21.04
C LYS B 199 9.28 -13.17 22.04
N ASP B 200 9.84 -12.00 22.38
CA ASP B 200 9.18 -11.05 23.27
C ASP B 200 7.73 -10.85 22.85
N THR B 201 6.82 -11.07 23.79
CA THR B 201 5.39 -10.99 23.52
C THR B 201 4.98 -9.58 23.14
N GLY B 202 5.69 -8.58 23.68
CA GLY B 202 5.45 -7.21 23.32
C GLY B 202 5.65 -6.99 21.83
N ARG B 203 6.82 -7.38 21.33
CA ARG B 203 7.14 -7.25 19.91
C ARG B 203 6.13 -7.97 19.04
N LEU B 204 5.67 -9.13 19.49
CA LEU B 204 4.74 -9.95 18.73
C LEU B 204 3.38 -9.28 18.57
N VAL B 205 2.83 -8.74 19.66
CA VAL B 205 1.52 -8.11 19.59
C VAL B 205 1.61 -6.83 18.74
N ARG B 206 2.65 -6.05 18.96
CA ARG B 206 2.84 -4.80 18.22
C ARG B 206 2.98 -5.05 16.73
N ALA B 207 3.55 -6.20 16.37
CA ALA B 207 3.73 -6.56 14.98
C ALA B 207 2.38 -6.77 14.26
N TYR B 208 1.34 -7.02 15.05
CA TYR B 208 0.00 -7.26 14.52
C TYR B 208 -0.98 -6.25 15.08
N ASP B 209 -0.43 -5.12 15.55
CA ASP B 209 -1.22 -4.05 16.14
C ASP B 209 -0.37 -2.79 16.08
N ASP B 210 0.04 -2.43 14.86
CA ASP B 210 0.95 -1.32 14.64
C ASP B 210 0.32 0.01 15.03
N ALA B 211 1.18 0.98 15.36
CA ALA B 211 0.74 2.26 15.90
C ALA B 211 -0.10 3.07 14.92
N ALA B 212 0.07 2.80 13.63
CA ALA B 212 -0.60 3.58 12.59
C ALA B 212 -1.96 2.98 12.21
N GLY B 213 -2.28 1.82 12.76
CA GLY B 213 -3.57 1.21 12.54
C GLY B 213 -3.72 0.58 11.15
N VAL B 214 -2.61 0.27 10.50
CA VAL B 214 -2.67 -0.34 9.18
C VAL B 214 -3.18 -1.77 9.26
N THR B 215 -2.67 -2.54 10.23
CA THR B 215 -3.14 -3.92 10.41
C THR B 215 -4.63 -3.93 10.78
N ALA B 216 -5.04 -2.95 11.57
CA ALA B 216 -6.46 -2.82 11.94
C ALA B 216 -7.32 -2.66 10.68
N ALA B 217 -6.86 -1.83 9.75
CA ALA B 217 -7.57 -1.62 8.50
C ALA B 217 -7.58 -2.89 7.66
N PHE B 218 -6.42 -3.56 7.63
CA PHE B 218 -6.27 -4.85 6.96
C PHE B 218 -7.27 -5.86 7.49
N ASN B 219 -7.39 -5.95 8.81
CA ASN B 219 -8.30 -6.90 9.43
C ASN B 219 -9.75 -6.57 9.14
N ARG B 220 -10.14 -5.33 9.40
CA ARG B 220 -11.53 -4.90 9.20
C ARG B 220 -11.97 -5.06 7.74
N ASN B 221 -11.03 -4.93 6.81
CA ASN B 221 -11.37 -4.97 5.39
C ASN B 221 -12.02 -6.30 4.97
N VAL B 222 -11.82 -7.36 5.76
CA VAL B 222 -12.46 -8.63 5.44
C VAL B 222 -13.97 -8.45 5.50
N LEU B 223 -14.43 -7.55 6.36
CA LEU B 223 -15.85 -7.23 6.44
C LEU B 223 -16.32 -6.52 5.18
N ALA B 224 -15.47 -5.66 4.65
CA ALA B 224 -15.78 -4.95 3.40
C ALA B 224 -15.88 -5.93 2.25
N VAL B 225 -15.09 -7.01 2.32
CA VAL B 225 -15.11 -8.03 1.29
C VAL B 225 -16.42 -8.81 1.35
N VAL B 226 -16.86 -9.17 2.56
CA VAL B 226 -18.11 -9.89 2.73
C VAL B 226 -19.28 -8.99 2.33
N ASN B 227 -19.22 -7.73 2.73
CA ASN B 227 -20.26 -6.76 2.37
C ASN B 227 -20.44 -6.65 0.86
N ARG B 228 -19.33 -6.56 0.13
CA ARG B 228 -19.37 -6.39 -1.31
C ARG B 228 -19.76 -7.68 -2.02
N GLU B 229 -19.06 -8.77 -1.73
CA GLU B 229 -19.22 -10.02 -2.48
C GLU B 229 -20.50 -10.78 -2.14
N LEU B 230 -21.04 -10.58 -0.95
CA LEU B 230 -22.23 -11.31 -0.52
C LEU B 230 -23.39 -10.38 -0.11
N SER B 231 -23.26 -9.10 -0.42
CA SER B 231 -24.28 -8.11 -0.08
C SER B 231 -24.64 -8.16 1.40
N ALA B 232 -23.63 -8.05 2.25
CA ALA B 232 -23.84 -7.98 3.69
C ALA B 232 -23.78 -6.52 4.15
N ASP B 233 -24.23 -6.26 5.37
CA ASP B 233 -24.29 -4.90 5.89
C ASP B 233 -23.51 -4.75 7.19
N PHE B 234 -22.30 -5.30 7.23
CA PHE B 234 -21.38 -5.04 8.32
C PHE B 234 -21.10 -3.54 8.43
N ASP B 235 -21.21 -3.01 9.64
CA ASP B 235 -20.77 -1.65 9.93
C ASP B 235 -19.32 -1.74 10.40
N LEU B 236 -18.39 -1.41 9.52
CA LEU B 236 -16.96 -1.58 9.83
C LEU B 236 -16.53 -0.76 11.04
N ASP B 237 -17.17 0.38 11.26
CA ASP B 237 -16.80 1.25 12.37
C ASP B 237 -17.26 0.68 13.70
N ALA B 238 -18.17 -0.29 13.65
CA ALA B 238 -18.70 -0.92 14.86
C ALA B 238 -17.82 -2.07 15.34
N PHE B 239 -16.70 -2.30 14.65
CA PHE B 239 -15.83 -3.42 14.97
C PHE B 239 -14.41 -2.97 15.28
N GLU B 240 -13.89 -3.48 16.39
CA GLU B 240 -12.58 -3.08 16.89
C GLU B 240 -11.53 -4.15 16.59
N HIS B 241 -10.36 -3.70 16.17
CA HIS B 241 -9.22 -4.58 15.94
C HIS B 241 -8.61 -5.03 17.26
N VAL B 242 -8.50 -6.35 17.44
CA VAL B 242 -7.86 -6.90 18.64
C VAL B 242 -6.82 -7.95 18.25
N ALA B 243 -5.58 -7.71 18.64
CA ALA B 243 -4.49 -8.66 18.44
C ALA B 243 -4.02 -9.20 19.79
N LYS B 244 -4.08 -10.52 19.95
CA LYS B 244 -3.74 -11.16 21.21
C LYS B 244 -2.60 -12.16 21.06
N TRP B 245 -1.79 -12.28 22.11
CA TRP B 245 -0.84 -13.37 22.23
C TRP B 245 -1.45 -14.51 23.03
N ASN B 246 -1.66 -15.63 22.37
CA ASN B 246 -2.13 -16.85 23.04
C ASN B 246 -0.92 -17.66 23.48
N SER B 247 -0.63 -17.63 24.78
CA SER B 247 0.59 -18.23 25.31
C SER B 247 0.50 -19.75 25.39
N ASP B 248 -0.71 -20.28 25.55
CA ASP B 248 -0.91 -21.72 25.57
C ASP B 248 -0.61 -22.34 24.20
N GLU B 249 -1.01 -21.64 23.15
CA GLU B 249 -0.82 -22.13 21.78
C GLU B 249 0.40 -21.49 21.12
N GLU B 250 0.96 -20.47 21.78
CA GLU B 250 2.11 -19.74 21.27
C GLU B 250 1.83 -19.24 19.85
N ARG B 251 0.73 -18.49 19.72
CA ARG B 251 0.32 -17.93 18.45
C ARG B 251 -0.31 -16.56 18.64
N ILE B 252 -0.08 -15.67 17.70
CA ILE B 252 -0.82 -14.43 17.62
C ILE B 252 -2.22 -14.75 17.11
N GLU B 253 -3.21 -14.02 17.61
CA GLU B 253 -4.58 -14.14 17.11
C GLU B 253 -5.10 -12.75 16.78
N MET B 254 -5.71 -12.61 15.61
CA MET B 254 -6.39 -11.37 15.25
C MET B 254 -7.89 -11.58 15.39
N TRP B 255 -8.55 -10.68 16.12
CA TRP B 255 -9.99 -10.73 16.30
C TRP B 255 -10.64 -9.45 15.82
N LEU B 256 -11.92 -9.55 15.50
CA LEU B 256 -12.77 -8.37 15.34
C LEU B 256 -13.81 -8.39 16.45
N ARG B 257 -13.85 -7.31 17.23
CA ARG B 257 -14.74 -7.21 18.38
C ARG B 257 -15.82 -6.17 18.14
N ALA B 258 -17.07 -6.60 18.23
CA ALA B 258 -18.20 -5.68 18.12
C ALA B 258 -18.20 -4.72 19.29
N ARG B 259 -18.21 -3.42 18.99
CA ARG B 259 -18.24 -2.39 20.02
C ARG B 259 -19.58 -2.42 20.75
N THR B 260 -20.64 -2.60 19.96
CA THR B 260 -21.99 -2.73 20.48
C THR B 260 -22.64 -3.94 19.83
N ALA B 261 -23.85 -4.28 20.25
CA ALA B 261 -24.57 -5.38 19.63
C ALA B 261 -24.87 -5.03 18.18
N GLN B 262 -24.66 -5.99 17.28
CA GLN B 262 -24.86 -5.79 15.85
C GLN B 262 -25.74 -6.88 15.24
N HIS B 263 -26.65 -6.47 14.36
CA HIS B 263 -27.37 -7.43 13.53
C HIS B 263 -26.90 -7.28 12.10
N VAL B 264 -26.39 -8.39 11.55
CA VAL B 264 -25.86 -8.39 10.19
C VAL B 264 -26.65 -9.35 9.34
N ARG B 265 -27.14 -8.86 8.20
CA ARG B 265 -27.77 -9.71 7.21
C ARG B 265 -26.83 -9.93 6.05
N VAL B 266 -26.59 -11.20 5.71
CA VAL B 266 -25.82 -11.55 4.52
C VAL B 266 -26.81 -11.99 3.44
N ALA B 267 -27.28 -11.03 2.67
CA ALA B 267 -28.39 -11.24 1.74
C ALA B 267 -28.18 -12.40 0.78
N ALA B 268 -26.96 -12.52 0.24
CA ALA B 268 -26.66 -13.54 -0.75
C ALA B 268 -26.78 -14.95 -0.16
N LEU B 269 -26.64 -15.06 1.16
CA LEU B 269 -26.83 -16.32 1.87
C LEU B 269 -28.22 -16.41 2.50
N ASP B 270 -29.00 -15.33 2.36
CA ASP B 270 -30.26 -15.18 3.07
C ASP B 270 -30.03 -15.50 4.55
N LEU B 271 -28.95 -14.94 5.08
CA LEU B 271 -28.48 -15.29 6.42
C LEU B 271 -28.60 -14.12 7.40
N GLU B 272 -29.13 -14.42 8.58
CA GLU B 272 -29.26 -13.46 9.66
C GLU B 272 -28.32 -13.83 10.80
N VAL B 273 -27.40 -12.92 11.13
CA VAL B 273 -26.41 -13.16 12.17
C VAL B 273 -26.46 -12.06 13.23
N ASP B 274 -26.20 -12.43 14.47
CA ASP B 274 -26.18 -11.48 15.58
C ASP B 274 -24.83 -11.46 16.29
N PHE B 275 -24.37 -10.25 16.60
CA PHE B 275 -23.18 -10.06 17.42
C PHE B 275 -23.58 -9.45 18.76
N ALA B 276 -23.17 -10.09 19.85
CA ALA B 276 -23.32 -9.51 21.17
C ALA B 276 -22.28 -8.42 21.36
N ALA B 277 -22.62 -7.42 22.17
CA ALA B 277 -21.66 -6.38 22.54
C ALA B 277 -20.45 -7.03 23.21
N GLY B 278 -19.28 -6.84 22.61
CA GLY B 278 -18.05 -7.43 23.13
C GLY B 278 -17.69 -8.74 22.46
N GLU B 279 -18.62 -9.32 21.72
CA GLU B 279 -18.37 -10.60 21.06
C GLU B 279 -17.23 -10.45 20.05
N GLU B 280 -16.35 -11.45 20.04
CA GLU B 280 -15.18 -11.42 19.17
C GLU B 280 -15.26 -12.50 18.10
N MET B 281 -14.73 -12.16 16.93
CA MET B 281 -14.71 -13.07 15.78
C MET B 281 -13.26 -13.29 15.36
N LEU B 282 -12.87 -14.55 15.26
CA LEU B 282 -11.49 -14.91 14.91
C LEU B 282 -11.27 -14.80 13.40
N THR B 283 -10.35 -13.94 12.98
CA THR B 283 -10.09 -13.77 11.56
C THR B 283 -8.74 -14.34 11.14
N GLU B 284 -7.85 -14.55 12.10
CA GLU B 284 -6.54 -15.12 11.78
C GLU B 284 -5.78 -15.60 13.01
N VAL B 285 -4.97 -16.64 12.82
CA VAL B 285 -3.98 -17.03 13.80
C VAL B 285 -2.62 -16.93 13.11
N SER B 286 -1.60 -16.56 13.88
CA SER B 286 -0.23 -16.52 13.36
C SER B 286 0.67 -17.25 14.37
N CYS B 287 0.79 -18.56 14.17
CA CYS B 287 1.54 -19.41 15.09
C CYS B 287 3.03 -19.12 15.02
N LYS B 288 3.66 -19.03 16.18
CA LYS B 288 5.10 -18.82 16.28
C LYS B 288 5.77 -20.11 16.73
N PHE B 289 6.95 -20.38 16.16
CA PHE B 289 7.61 -21.68 16.31
C PHE B 289 8.83 -21.62 17.18
N ARG B 290 9.20 -22.79 17.71
CA ARG B 290 10.49 -22.99 18.36
C ARG B 290 11.34 -23.87 17.43
N PRO B 291 12.65 -23.59 17.34
CA PRO B 291 13.51 -24.29 16.39
C PRO B 291 13.37 -25.81 16.43
N GLU B 292 13.29 -26.36 17.63
CA GLU B 292 13.23 -27.80 17.82
C GLU B 292 11.92 -28.40 17.30
N ASN B 293 10.82 -27.65 17.42
CA ASN B 293 9.53 -28.14 16.95
C ASN B 293 9.42 -28.07 15.43
N VAL B 294 10.17 -27.17 14.81
CA VAL B 294 10.17 -27.07 13.36
C VAL B 294 10.75 -28.35 12.76
N VAL B 295 11.86 -28.82 13.35
CA VAL B 295 12.49 -30.07 12.93
C VAL B 295 11.50 -31.22 13.08
N ALA B 296 10.83 -31.27 14.21
CA ALA B 296 9.89 -32.34 14.52
C ALA B 296 8.70 -32.34 13.58
N GLU B 297 8.14 -31.15 13.31
CA GLU B 297 6.97 -31.05 12.44
C GLU B 297 7.32 -31.49 11.02
N LEU B 298 8.53 -31.17 10.57
CA LEU B 298 9.00 -31.57 9.26
C LEU B 298 9.23 -33.08 9.20
N ALA B 299 9.86 -33.62 10.24
CA ALA B 299 10.13 -35.05 10.32
C ALA B 299 8.83 -35.84 10.27
N GLU B 300 7.80 -35.33 10.93
CA GLU B 300 6.50 -35.97 10.96
C GLU B 300 5.87 -36.00 9.58
N ALA B 301 6.09 -34.95 8.79
CA ALA B 301 5.55 -34.87 7.44
C ALA B 301 6.37 -35.72 6.46
N GLY B 302 7.53 -36.18 6.91
CA GLY B 302 8.38 -37.03 6.10
C GLY B 302 9.54 -36.28 5.45
N LEU B 303 9.92 -35.15 6.04
CA LEU B 303 11.04 -34.35 5.55
C LEU B 303 12.11 -34.19 6.60
N ARG B 304 13.37 -34.41 6.19
CA ARG B 304 14.51 -34.31 7.09
C ARG B 304 15.21 -32.96 6.93
N GLN B 305 15.19 -32.16 7.99
CA GLN B 305 15.87 -30.87 7.96
C GLN B 305 17.38 -31.06 7.80
N THR B 306 17.94 -30.40 6.80
CA THR B 306 19.37 -30.50 6.52
C THR B 306 20.08 -29.20 6.87
N HIS B 307 19.33 -28.10 6.84
CA HIS B 307 19.88 -26.81 7.21
C HIS B 307 18.88 -25.95 7.92
N TRP B 308 19.41 -25.09 8.79
CA TRP B 308 18.62 -24.17 9.59
C TRP B 308 19.40 -22.89 9.75
N TRP B 309 18.83 -21.78 9.27
CA TRP B 309 19.47 -20.47 9.39
C TRP B 309 18.53 -19.47 10.02
N THR B 310 19.03 -18.74 11.01
CA THR B 310 18.32 -17.60 11.56
C THR B 310 19.03 -16.30 11.21
N ASP B 311 18.32 -15.19 11.42
CA ASP B 311 18.95 -13.88 11.44
C ASP B 311 19.82 -13.78 12.69
N PRO B 312 20.69 -12.76 12.77
CA PRO B 312 21.57 -12.62 13.93
C PRO B 312 20.86 -12.52 15.27
N ALA B 313 19.61 -12.05 15.27
CA ALA B 313 18.86 -11.87 16.52
C ALA B 313 18.05 -13.11 16.89
N GLY B 314 17.99 -14.08 15.98
CA GLY B 314 17.20 -15.27 16.20
C GLY B 314 15.70 -14.97 16.20
N ASP B 315 15.30 -14.00 15.37
CA ASP B 315 13.89 -13.62 15.26
C ASP B 315 13.11 -14.54 14.34
N PHE B 316 13.78 -15.06 13.32
CA PHE B 316 13.14 -15.76 12.22
C PHE B 316 14.05 -16.86 11.71
N GLY B 317 13.48 -17.96 11.24
CA GLY B 317 14.26 -19.09 10.78
C GLY B 317 13.85 -19.63 9.41
N LEU B 318 14.86 -20.04 8.63
CA LEU B 318 14.64 -20.73 7.37
C LEU B 318 15.13 -22.16 7.49
N SER B 319 14.25 -23.10 7.14
CA SER B 319 14.61 -24.51 7.12
C SER B 319 14.71 -25.03 5.71
N LEU B 320 15.80 -25.73 5.42
CA LEU B 320 15.90 -26.55 4.22
C LEU B 320 15.74 -28.00 4.64
N ALA B 321 14.74 -28.68 4.09
CA ALA B 321 14.47 -30.07 4.40
C ALA B 321 14.38 -30.88 3.11
N VAL B 322 14.89 -32.10 3.16
CA VAL B 322 14.98 -32.94 1.96
C VAL B 322 14.04 -34.13 2.06
N ARG B 323 13.58 -34.58 0.89
CA ARG B 323 12.70 -35.74 0.77
C ARG B 323 13.53 -37.01 0.62
#